data_9BAU
#
_entry.id   9BAU
#
_cell.length_a   66.744
_cell.length_b   93.847
_cell.length_c   176.251
_cell.angle_alpha   90.00
_cell.angle_beta   90.00
_cell.angle_gamma   90.00
#
_symmetry.space_group_name_H-M   'P 21 21 21'
#
loop_
_entity.id
_entity.type
_entity.pdbx_description
1 polymer 'S1_15B sulfatase'
2 non-polymer 'CALCIUM ION'
3 non-polymer 'CHLORIDE ION'
4 non-polymer 6-O-sulfo-beta-D-galactopyranose
5 water water
#
_entity_poly.entity_id   1
_entity_poly.type   'polypeptide(L)'
_entity_poly.pdbx_seq_one_letter_code
;MGSSHHHHHHSSGLVPRGSHMASKEAQNSAEKPNIVLFYVDDLGWGDLSSYGATEVNTPNIDALAKNGIRFTDAHSSAAT
SSPSRYSLLTGEHAFRKNIRILKGDAPLVISEVQKTLPKMLQTVGYRTGIVGKWHLGLGDGNTPVNWNEKVKPGPLEVGF
DYSFLIPATGDRVPSVFLENHDVVNLEKSDPLFVNYQKKIGQRPTGYENPELLKQGADEQHNKSIINGVSRIGWMQGGES
AEWHDETFNIVTSDKAKQFISESSKQPFFLLFSFHDIHVPRLPNEMFRGKTNMGARGDSIVQMDWTTGQVVEKLRELNLL
DNTLVIFTSDNGAVLTDGYDDEALKRIGTHKQNGPYRGGKYSIYEAGTRIPFIVHYPNRVKPGVSNSLFSQIDLYASIAE
LLGVPLEETEAIDSQNQLSPLFDASKLARKTLVQETPHAKGLRENSWKYIRPTEKDVAWVKAKKNIDPGTSKAPQLFDLD
TDPSELHNLAAKYPDKVKLLEQKLQDIELQSIRLKSLK
;
_entity_poly.pdbx_strand_id   A,B
#
loop_
_chem_comp.id
_chem_comp.type
_chem_comp.name
_chem_comp.formula
CA non-polymer 'CALCIUM ION' 'Ca 2'
CL non-polymer 'CHLORIDE ION' 'Cl -1'
G6S D-saccharide, beta linking 6-O-sulfo-beta-D-galactopyranose 'C6 H12 O9 S'
#
# COMPACT_ATOMS: atom_id res chain seq x y z
N ALA A 30 35.59 24.26 -8.11
CA ALA A 30 34.95 25.04 -7.04
C ALA A 30 33.52 25.44 -7.42
N GLU A 31 33.38 26.23 -8.50
CA GLU A 31 32.09 26.58 -9.08
C GLU A 31 31.57 25.52 -10.03
N LYS A 32 32.34 24.43 -10.19
CA LYS A 32 32.01 23.28 -11.04
C LYS A 32 32.07 22.05 -10.15
N PRO A 33 31.01 21.74 -9.42
CA PRO A 33 31.04 20.58 -8.53
C PRO A 33 31.00 19.28 -9.32
N ASN A 34 31.49 18.23 -8.70
CA ASN A 34 31.33 16.93 -9.30
C ASN A 34 29.86 16.53 -9.32
N ILE A 35 29.47 15.73 -10.29
CA ILE A 35 28.11 15.21 -10.37
C ILE A 35 28.17 13.70 -10.43
N VAL A 36 27.52 13.04 -9.47
CA VAL A 36 27.38 11.60 -9.48
C VAL A 36 25.89 11.27 -9.45
N LEU A 37 25.43 10.62 -10.51
CA LEU A 37 24.02 10.27 -10.71
C LEU A 37 23.89 8.77 -10.55
N PHE A 38 23.36 8.33 -9.42
CA PHE A 38 23.01 6.93 -9.22
C PHE A 38 21.65 6.69 -9.88
N TYR A 39 21.59 5.73 -10.80
CA TYR A 39 20.37 5.47 -11.54
C TYR A 39 20.01 3.99 -11.35
N VAL A 40 19.03 3.73 -10.51
CA VAL A 40 18.63 2.38 -10.13
C VAL A 40 17.60 1.86 -11.11
N ASP A 41 17.62 0.54 -11.31
CA ASP A 41 16.75 -0.16 -12.25
C ASP A 41 15.52 -0.71 -11.51
N ASP A 42 14.33 -0.17 -11.83
CA ASP A 42 13.04 -0.63 -11.29
C ASP A 42 12.86 -0.35 -9.80
N LEU A 43 13.51 0.66 -9.22
CA LEU A 43 13.37 0.93 -7.79
C LEU A 43 12.03 1.61 -7.55
N GLY A 44 11.19 1.00 -6.72
CA GLY A 44 9.88 1.57 -6.44
C GLY A 44 9.92 2.66 -5.38
N TRP A 45 8.90 3.52 -5.43
CA TRP A 45 8.81 4.64 -4.49
C TRP A 45 8.97 4.18 -3.04
N GLY A 46 8.50 2.99 -2.70
CA GLY A 46 8.56 2.54 -1.32
C GLY A 46 9.65 1.54 -1.00
N ASP A 47 10.61 1.32 -1.91
CA ASP A 47 11.64 0.31 -1.69
C ASP A 47 12.79 0.82 -0.83
N LEU A 48 12.81 2.08 -0.42
CA LEU A 48 13.83 2.58 0.49
C LEU A 48 13.22 2.73 1.89
N SER A 49 14.03 2.46 2.93
CA SER A 49 13.51 2.65 4.28
C SER A 49 13.27 4.12 4.58
N SER A 50 14.00 5.02 3.93
CA SER A 50 13.70 6.44 4.13
C SER A 50 12.45 6.87 3.37
N TYR A 51 11.86 5.98 2.58
CA TYR A 51 10.57 6.18 1.97
C TYR A 51 9.50 5.24 2.56
N GLY A 52 9.73 4.70 3.75
CA GLY A 52 8.71 3.96 4.48
C GLY A 52 8.89 2.45 4.53
N ALA A 53 9.84 1.89 3.78
CA ALA A 53 10.08 0.44 3.85
C ALA A 53 10.47 0.02 5.26
N THR A 54 9.91 -1.11 5.71
CA THR A 54 10.30 -1.71 6.98
C THR A 54 10.88 -3.11 6.85
N GLU A 55 10.59 -3.83 5.77
CA GLU A 55 11.12 -5.16 5.55
C GLU A 55 12.53 -5.14 4.98
N VAL A 56 13.08 -3.97 4.67
CA VAL A 56 14.46 -3.85 4.19
C VAL A 56 15.01 -2.52 4.69
N ASN A 57 16.30 -2.52 5.08
CA ASN A 57 17.02 -1.35 5.55
C ASN A 57 17.99 -0.89 4.47
N THR A 58 17.96 0.41 4.14
CA THR A 58 18.87 0.99 3.14
C THR A 58 19.67 2.12 3.80
N PRO A 59 20.58 1.78 4.74
CA PRO A 59 21.24 2.84 5.54
C PRO A 59 22.12 3.79 4.75
N ASN A 60 22.85 3.31 3.76
CA ASN A 60 23.73 4.20 3.01
C ASN A 60 22.92 5.26 2.26
N ILE A 61 21.84 4.84 1.62
CA ILE A 61 21.00 5.76 0.87
C ILE A 61 20.22 6.67 1.82
N ASP A 62 19.78 6.13 2.95
CA ASP A 62 19.09 6.93 3.96
C ASP A 62 19.96 8.06 4.50
N ALA A 63 21.28 7.84 4.63
CA ALA A 63 22.12 8.93 5.11
C ALA A 63 22.16 10.07 4.10
N LEU A 64 22.17 9.75 2.80
CA LEU A 64 22.08 10.78 1.78
C LEU A 64 20.78 11.57 1.89
N ALA A 65 19.66 10.88 2.10
CA ALA A 65 18.40 11.58 2.23
C ALA A 65 18.36 12.44 3.49
N LYS A 66 18.88 11.89 4.59
CA LYS A 66 18.88 12.62 5.86
C LYS A 66 19.71 13.89 5.78
N ASN A 67 20.78 13.89 4.99
CA ASN A 67 21.65 15.04 4.79
C ASN A 67 21.41 15.73 3.44
N GLY A 68 20.27 15.49 2.82
CA GLY A 68 19.94 16.14 1.57
C GLY A 68 18.43 16.30 1.46
N ILE A 69 17.90 16.43 0.25
CA ILE A 69 16.46 16.54 0.04
C ILE A 69 15.94 15.25 -0.58
N ARG A 70 14.88 14.70 -0.01
CA ARG A 70 14.16 13.62 -0.67
C ARG A 70 12.84 14.16 -1.20
N PHE A 71 12.48 13.78 -2.42
CA PHE A 71 11.33 14.31 -3.13
C PHE A 71 10.23 13.26 -3.11
N THR A 72 8.99 13.67 -2.78
CA THR A 72 7.87 12.75 -2.69
C THR A 72 7.03 12.70 -3.95
N ASP A 73 7.21 13.64 -4.87
CA ASP A 73 6.43 13.68 -6.10
C ASP A 73 7.34 13.86 -7.32
N ALA A 74 8.43 13.10 -7.38
CA ALA A 74 9.36 13.21 -8.49
C ALA A 74 9.16 12.02 -9.44
N HIS A 75 9.49 12.24 -10.72
CA HIS A 75 9.08 11.31 -11.78
C HIS A 75 10.18 11.05 -12.80
N SER A 76 10.35 9.77 -13.13
CA SER A 76 10.99 9.41 -14.38
C SER A 76 10.15 9.86 -15.57
N SER A 77 10.78 9.99 -16.73
CA SER A 77 9.99 10.36 -17.90
C SER A 77 9.00 9.27 -18.27
N ALA A 78 9.36 8.00 -18.10
CA ALA A 78 8.55 6.90 -18.59
C ALA A 78 8.47 5.81 -17.53
N ALA A 79 7.65 4.81 -17.82
CA ALA A 79 7.43 3.67 -16.95
C ALA A 79 8.25 2.46 -17.36
N THR A 80 9.23 2.64 -18.25
CA THR A 80 10.12 1.55 -18.68
C THR A 80 11.50 2.15 -18.94
N SER A 81 12.52 1.27 -18.97
CA SER A 81 13.93 1.69 -18.99
C SER A 81 14.35 2.63 -20.13
N SER A 82 14.41 2.13 -21.37
CA SER A 82 15.07 2.89 -22.42
C SER A 82 14.46 4.27 -22.63
N PRO A 83 13.13 4.46 -22.64
CA PRO A 83 12.59 5.82 -22.73
C PRO A 83 12.99 6.74 -21.60
N SER A 84 13.13 6.22 -20.36
CA SER A 84 13.44 7.14 -19.28
C SER A 84 14.92 7.49 -19.31
N ARG A 85 15.74 6.56 -19.77
CA ARG A 85 17.16 6.84 -19.97
C ARG A 85 17.37 7.82 -21.11
N TYR A 86 16.62 7.65 -22.20
CA TYR A 86 16.70 8.60 -23.31
C TYR A 86 16.38 10.02 -22.84
N SER A 87 15.29 10.17 -22.07
CA SER A 87 14.88 11.49 -21.63
C SER A 87 15.82 12.09 -20.58
N LEU A 88 16.43 11.25 -19.75
CA LEU A 88 17.43 11.75 -18.81
C LEU A 88 18.58 12.42 -19.55
N LEU A 89 19.02 11.80 -20.65
CA LEU A 89 20.23 12.24 -21.34
C LEU A 89 19.95 13.31 -22.39
N THR A 90 18.76 13.36 -22.97
CA THR A 90 18.50 14.36 -24.00
C THR A 90 17.64 15.51 -23.51
N GLY A 91 17.07 15.40 -22.31
CA GLY A 91 16.19 16.46 -21.82
C GLY A 91 14.93 16.61 -22.63
N GLU A 92 14.44 15.51 -23.18
CA GLU A 92 13.33 15.52 -24.12
C GLU A 92 12.44 14.31 -23.88
N HIS A 93 11.13 14.50 -23.92
CA HIS A 93 10.23 13.35 -23.73
C HIS A 93 10.54 12.27 -24.74
N ALA A 94 10.47 11.02 -24.30
CA ALA A 94 10.92 9.91 -25.14
C ALA A 94 9.98 9.66 -26.31
N PHE A 95 8.72 10.04 -26.21
CA PHE A 95 7.79 9.80 -27.30
C PHE A 95 8.15 10.62 -28.54
N ARG A 96 8.90 11.70 -28.38
CA ARG A 96 9.29 12.48 -29.55
C ARG A 96 10.14 11.66 -30.52
N LYS A 97 10.75 10.58 -30.05
CA LYS A 97 11.46 9.66 -30.92
C LYS A 97 10.87 8.26 -30.85
N ASN A 98 9.67 8.13 -30.28
CA ASN A 98 8.98 6.86 -30.04
C ASN A 98 9.92 5.77 -29.54
N ILE A 99 10.64 6.08 -28.46
CA ILE A 99 11.54 5.13 -27.82
C ILE A 99 10.71 4.12 -27.03
N ARG A 100 11.04 2.84 -27.21
CA ARG A 100 10.42 1.74 -26.48
C ARG A 100 11.52 0.88 -25.86
N ILE A 101 11.14 -0.15 -25.10
CA ILE A 101 12.11 -1.09 -24.54
C ILE A 101 12.94 -1.68 -25.67
N LEU A 102 14.26 -1.49 -25.60
CA LEU A 102 15.15 -1.92 -26.68
C LEU A 102 15.61 -3.35 -26.51
N LYS A 103 15.76 -4.06 -27.63
CA LYS A 103 16.30 -5.41 -27.61
C LYS A 103 17.82 -5.37 -27.47
N GLY A 104 18.41 -6.55 -27.31
CA GLY A 104 19.84 -6.62 -27.00
C GLY A 104 20.74 -6.08 -28.10
N ASP A 105 20.25 -6.03 -29.34
CA ASP A 105 21.03 -5.59 -30.50
C ASP A 105 20.41 -4.36 -31.18
N ALA A 106 19.60 -3.60 -30.45
CA ALA A 106 19.05 -2.38 -31.02
C ALA A 106 20.18 -1.42 -31.36
N PRO A 107 20.01 -0.60 -32.40
CA PRO A 107 21.00 0.45 -32.66
C PRO A 107 20.82 1.64 -31.71
N LEU A 108 21.87 2.45 -31.64
CA LEU A 108 21.88 3.60 -30.75
C LEU A 108 20.72 4.54 -31.09
N VAL A 109 19.94 4.90 -30.06
CA VAL A 109 18.81 5.81 -30.28
C VAL A 109 19.17 7.27 -30.08
N ILE A 110 20.36 7.58 -29.57
CA ILE A 110 20.80 8.96 -29.43
C ILE A 110 21.71 9.28 -30.61
N SER A 111 21.35 10.30 -31.37
CA SER A 111 22.10 10.66 -32.57
C SER A 111 23.49 11.20 -32.24
N GLU A 112 24.43 10.97 -33.16
CA GLU A 112 25.80 11.41 -32.92
C GLU A 112 25.95 12.94 -32.96
N VAL A 113 24.94 13.69 -33.38
CA VAL A 113 25.00 15.14 -33.28
C VAL A 113 23.90 15.69 -32.37
N GLN A 114 23.14 14.81 -31.72
CA GLN A 114 22.10 15.22 -30.79
C GLN A 114 22.71 15.77 -29.50
N LYS A 115 22.16 16.89 -29.02
CA LYS A 115 22.63 17.47 -27.76
C LYS A 115 22.29 16.53 -26.60
N THR A 116 23.28 16.29 -25.72
CA THR A 116 23.13 15.39 -24.59
C THR A 116 23.70 16.05 -23.34
N LEU A 117 23.19 15.62 -22.19
CA LEU A 117 23.70 16.16 -20.93
C LEU A 117 25.19 15.91 -20.73
N PRO A 118 25.74 14.71 -20.98
CA PRO A 118 27.21 14.58 -20.86
C PRO A 118 27.99 15.40 -21.86
N LYS A 119 27.50 15.54 -23.10
CA LYS A 119 28.18 16.42 -24.06
C LYS A 119 28.17 17.85 -23.55
N MET A 120 27.03 18.28 -23.02
CA MET A 120 26.96 19.61 -22.41
C MET A 120 28.01 19.75 -21.32
N LEU A 121 28.15 18.72 -20.48
CA LEU A 121 29.13 18.79 -19.40
C LEU A 121 30.57 18.78 -19.95
N GLN A 122 30.80 18.13 -21.08
CA GLN A 122 32.14 18.11 -21.65
C GLN A 122 32.59 19.50 -22.07
N THR A 123 31.68 20.31 -22.62
CA THR A 123 32.04 21.65 -23.10
C THR A 123 32.45 22.60 -21.98
N VAL A 124 32.19 22.27 -20.73
CA VAL A 124 32.63 23.11 -19.62
C VAL A 124 33.74 22.44 -18.83
N GLY A 125 34.27 21.33 -19.31
CA GLY A 125 35.46 20.75 -18.73
C GLY A 125 35.27 19.53 -17.85
N TYR A 126 34.12 18.86 -17.94
CA TYR A 126 33.88 17.67 -17.13
C TYR A 126 34.45 16.45 -17.82
N ARG A 127 35.02 15.56 -17.04
CA ARG A 127 35.27 14.21 -17.52
C ARG A 127 34.03 13.38 -17.22
N THR A 128 33.49 12.74 -18.25
CA THR A 128 32.22 12.05 -18.14
C THR A 128 32.43 10.54 -18.26
N GLY A 129 31.85 9.78 -17.33
CA GLY A 129 31.91 8.33 -17.39
C GLY A 129 30.55 7.72 -17.11
N ILE A 130 30.35 6.52 -17.64
CA ILE A 130 29.20 5.71 -17.28
C ILE A 130 29.69 4.30 -16.94
N VAL A 131 29.17 3.75 -15.85
CA VAL A 131 29.40 2.37 -15.44
C VAL A 131 28.05 1.71 -15.23
N GLY A 132 27.80 0.60 -15.93
CA GLY A 132 26.63 -0.22 -15.67
C GLY A 132 25.73 -0.32 -16.89
N LYS A 133 24.43 -0.28 -16.66
CA LYS A 133 23.46 -0.58 -17.69
C LYS A 133 23.39 0.51 -18.76
N TRP A 134 23.38 0.10 -20.03
CA TRP A 134 23.25 1.05 -21.12
C TRP A 134 21.79 1.07 -21.59
N HIS A 135 21.38 0.07 -22.39
CA HIS A 135 19.99 -0.08 -22.84
C HIS A 135 19.51 1.10 -23.67
N LEU A 136 20.42 1.77 -24.36
CA LEU A 136 20.10 2.88 -25.26
C LEU A 136 20.45 2.55 -26.70
N GLY A 137 20.84 1.31 -26.97
CA GLY A 137 21.24 0.82 -28.28
C GLY A 137 22.71 1.05 -28.56
N LEU A 138 23.26 0.16 -29.39
CA LEU A 138 24.66 0.21 -29.79
C LEU A 138 24.72 -0.06 -31.29
N GLY A 139 25.50 0.73 -32.02
CA GLY A 139 25.66 0.54 -33.44
C GLY A 139 24.84 1.52 -34.25
N ASP A 140 25.07 1.52 -35.56
CA ASP A 140 24.30 2.37 -36.46
C ASP A 140 23.04 1.71 -37.00
N GLY A 141 22.90 0.40 -36.90
CA GLY A 141 21.71 -0.26 -37.39
C GLY A 141 21.79 -0.75 -38.83
N ASN A 142 22.77 -0.26 -39.59
CA ASN A 142 22.93 -0.69 -40.98
C ASN A 142 23.13 -2.20 -41.08
N THR A 143 23.95 -2.75 -40.19
CA THR A 143 24.26 -4.17 -40.12
C THR A 143 24.25 -4.57 -38.66
N PRO A 144 24.00 -5.84 -38.35
CA PRO A 144 24.04 -6.27 -36.95
C PRO A 144 25.38 -5.94 -36.32
N VAL A 145 25.34 -5.66 -35.01
CA VAL A 145 26.58 -5.39 -34.28
C VAL A 145 27.44 -6.62 -34.34
N ASN A 146 28.71 -6.44 -34.68
CA ASN A 146 29.69 -7.53 -34.59
C ASN A 146 30.37 -7.41 -33.25
N TRP A 147 30.02 -8.30 -32.33
CA TRP A 147 30.55 -8.19 -30.98
C TRP A 147 32.05 -8.46 -30.91
N ASN A 148 32.63 -8.93 -32.00
CA ASN A 148 34.06 -9.19 -32.04
C ASN A 148 34.89 -8.01 -32.58
N GLU A 149 34.24 -6.98 -33.12
CA GLU A 149 34.93 -5.77 -33.58
C GLU A 149 34.64 -4.61 -32.62
N LYS A 150 35.19 -3.45 -32.95
CA LYS A 150 34.86 -2.25 -32.20
C LYS A 150 33.37 -1.99 -32.35
N VAL A 151 32.71 -1.74 -31.22
CA VAL A 151 31.29 -1.47 -31.19
C VAL A 151 31.11 0.04 -31.14
N LYS A 152 30.56 0.62 -32.21
CA LYS A 152 30.37 2.05 -32.35
C LYS A 152 29.25 2.28 -33.35
N PRO A 153 28.46 3.36 -33.19
CA PRO A 153 28.54 4.30 -32.06
C PRO A 153 27.90 3.77 -30.78
N GLY A 154 28.42 4.26 -29.66
CA GLY A 154 27.89 3.97 -28.35
C GLY A 154 28.08 5.16 -27.43
N PRO A 155 28.24 4.90 -26.12
CA PRO A 155 28.37 5.99 -25.15
C PRO A 155 29.41 7.02 -25.49
N LEU A 156 30.54 6.59 -26.06
CA LEU A 156 31.67 7.46 -26.34
C LEU A 156 31.39 8.42 -27.48
N GLU A 157 30.32 8.17 -28.25
CA GLU A 157 29.89 9.03 -29.34
C GLU A 157 28.71 9.92 -28.95
N VAL A 158 28.23 9.85 -27.70
CA VAL A 158 27.15 10.75 -27.28
C VAL A 158 27.54 11.46 -26.00
N GLY A 159 28.85 11.61 -25.77
CA GLY A 159 29.33 12.50 -24.74
C GLY A 159 30.03 11.88 -23.56
N PHE A 160 30.30 10.58 -23.59
CA PHE A 160 31.04 9.92 -22.52
C PHE A 160 32.48 9.74 -22.94
N ASP A 161 33.41 10.09 -22.04
CA ASP A 161 34.84 9.80 -22.22
C ASP A 161 35.18 8.36 -21.86
N TYR A 162 34.47 7.78 -20.89
CA TYR A 162 34.73 6.42 -20.43
C TYR A 162 33.41 5.67 -20.27
N SER A 163 33.39 4.39 -20.61
CA SER A 163 32.17 3.62 -20.39
C SER A 163 32.52 2.18 -20.08
N PHE A 164 31.82 1.62 -19.10
CA PHE A 164 31.91 0.20 -18.77
C PHE A 164 30.48 -0.31 -18.61
N LEU A 165 29.99 -1.07 -19.59
CA LEU A 165 28.57 -1.27 -19.78
C LEU A 165 28.15 -2.73 -19.66
N ILE A 166 26.99 -2.92 -19.03
CA ILE A 166 26.09 -4.03 -19.36
C ILE A 166 25.36 -3.52 -20.59
N PRO A 167 25.57 -4.10 -21.77
CA PRO A 167 25.11 -3.43 -23.01
C PRO A 167 23.61 -3.26 -23.12
N ALA A 168 22.84 -4.31 -22.83
CA ALA A 168 21.40 -4.27 -23.01
C ALA A 168 20.73 -4.26 -21.65
N THR A 169 20.29 -5.40 -21.13
CA THR A 169 19.79 -5.52 -19.78
C THR A 169 20.44 -6.76 -19.18
N GLY A 170 20.32 -6.90 -17.87
CA GLY A 170 20.83 -8.09 -17.23
C GLY A 170 20.20 -9.38 -17.72
N ASP A 171 18.96 -9.31 -18.21
CA ASP A 171 18.29 -10.53 -18.65
C ASP A 171 18.30 -10.71 -20.17
N ARG A 172 19.03 -9.88 -20.91
CA ARG A 172 19.16 -9.99 -22.36
C ARG A 172 20.62 -10.28 -22.73
N VAL A 173 20.82 -11.32 -23.54
CA VAL A 173 22.13 -11.59 -24.13
C VAL A 173 22.54 -10.39 -24.97
N PRO A 174 23.84 -10.15 -25.18
CA PRO A 174 25.00 -10.89 -24.65
C PRO A 174 25.29 -10.58 -23.18
N SER A 175 25.60 -11.61 -22.42
CA SER A 175 25.98 -11.47 -21.01
C SER A 175 27.49 -11.21 -20.88
N VAL A 176 27.90 -10.06 -21.41
CA VAL A 176 29.30 -9.67 -21.40
C VAL A 176 29.36 -8.19 -21.03
N PHE A 177 30.57 -7.73 -20.67
CA PHE A 177 30.83 -6.32 -20.43
C PHE A 177 31.43 -5.69 -21.67
N LEU A 178 31.09 -4.43 -21.91
CA LEU A 178 31.61 -3.64 -23.03
C LEU A 178 32.32 -2.43 -22.44
N GLU A 179 33.65 -2.40 -22.56
CA GLU A 179 34.45 -1.29 -22.08
C GLU A 179 34.82 -0.37 -23.24
N ASN A 180 34.33 0.86 -23.19
CA ASN A 180 34.50 1.78 -24.30
C ASN A 180 33.98 1.09 -25.56
N HIS A 181 34.88 0.69 -26.46
CA HIS A 181 34.48 0.11 -27.75
C HIS A 181 34.68 -1.40 -27.83
N ASP A 182 35.18 -2.07 -26.78
CA ASP A 182 35.54 -3.48 -26.89
C ASP A 182 34.90 -4.33 -25.79
N VAL A 183 34.44 -5.52 -26.19
CA VAL A 183 33.97 -6.53 -25.24
C VAL A 183 35.14 -6.99 -24.38
N VAL A 184 34.93 -7.03 -23.06
CA VAL A 184 35.99 -7.33 -22.11
C VAL A 184 36.27 -8.83 -22.11
N ASN A 185 37.56 -9.19 -22.20
CA ASN A 185 38.04 -10.57 -22.04
C ASN A 185 37.56 -11.50 -23.14
N LEU A 186 37.33 -10.96 -24.33
CA LEU A 186 36.97 -11.75 -25.50
C LEU A 186 38.21 -12.43 -26.08
N GLU A 187 38.05 -13.67 -26.56
CA GLU A 187 39.12 -14.42 -27.18
C GLU A 187 38.84 -14.55 -28.66
N LYS A 188 39.82 -14.17 -29.50
CA LYS A 188 39.64 -14.34 -30.94
C LYS A 188 39.33 -15.79 -31.27
N SER A 189 39.94 -16.71 -30.53
CA SER A 189 39.70 -18.14 -30.67
C SER A 189 38.25 -18.56 -30.42
N ASP A 190 37.44 -17.74 -29.74
CA ASP A 190 36.06 -18.11 -29.40
C ASP A 190 35.13 -16.93 -29.63
N PRO A 191 34.90 -16.55 -30.89
CA PRO A 191 34.14 -15.32 -31.18
C PRO A 191 32.70 -15.42 -30.70
N LEU A 192 32.07 -14.24 -30.53
CA LEU A 192 30.79 -14.10 -29.84
C LEU A 192 29.69 -13.67 -30.81
N PHE A 193 28.56 -14.37 -30.76
CA PHE A 193 27.39 -14.03 -31.56
C PHE A 193 26.13 -14.19 -30.72
N VAL A 194 25.12 -13.37 -31.02
CA VAL A 194 23.82 -13.49 -30.38
C VAL A 194 22.74 -13.55 -31.45
N ASN A 195 21.64 -14.19 -31.11
CA ASN A 195 20.49 -14.29 -32.00
C ASN A 195 19.24 -14.25 -31.13
N TYR A 196 18.31 -13.37 -31.48
CA TYR A 196 17.07 -13.26 -30.70
C TYR A 196 15.90 -14.00 -31.33
N GLN A 197 16.10 -14.69 -32.46
CA GLN A 197 14.99 -15.43 -33.08
C GLN A 197 15.15 -16.94 -33.01
N LYS A 198 16.37 -17.46 -33.03
CA LYS A 198 16.54 -18.90 -33.07
C LYS A 198 17.84 -19.27 -32.37
N LYS A 199 17.91 -20.51 -31.92
CA LYS A 199 19.08 -20.97 -31.20
C LYS A 199 20.28 -21.01 -32.14
N ILE A 200 21.42 -20.52 -31.63
CA ILE A 200 22.73 -20.67 -32.23
C ILE A 200 23.65 -21.14 -31.11
N GLY A 201 24.78 -21.70 -31.48
CA GLY A 201 25.72 -22.16 -30.48
C GLY A 201 25.25 -23.44 -29.79
N GLN A 202 26.02 -23.84 -28.77
CA GLN A 202 25.77 -25.08 -28.05
C GLN A 202 25.53 -24.89 -26.55
N ARG A 203 25.28 -23.67 -26.09
CA ARG A 203 25.03 -23.46 -24.67
C ARG A 203 23.73 -24.14 -24.27
N PRO A 204 23.66 -24.71 -23.07
CA PRO A 204 22.37 -25.22 -22.58
C PRO A 204 21.36 -24.09 -22.50
N THR A 205 20.09 -24.46 -22.48
CA THR A 205 19.02 -23.46 -22.47
C THR A 205 18.02 -23.78 -21.36
N GLY A 206 17.21 -22.78 -21.03
CA GLY A 206 16.20 -22.97 -20.02
C GLY A 206 15.16 -24.00 -20.41
N TYR A 207 14.79 -24.03 -21.69
CA TYR A 207 13.76 -24.97 -22.12
C TYR A 207 14.29 -26.40 -22.29
N GLU A 208 15.57 -26.58 -22.62
CA GLU A 208 16.08 -27.94 -22.75
C GLU A 208 16.64 -28.48 -21.46
N ASN A 209 17.16 -27.62 -20.58
CA ASN A 209 17.94 -28.04 -19.41
C ASN A 209 17.46 -27.33 -18.14
N PRO A 210 16.21 -27.56 -17.73
CA PRO A 210 15.72 -26.90 -16.51
C PRO A 210 16.49 -27.29 -15.28
N GLU A 211 17.12 -28.46 -15.27
CA GLU A 211 17.86 -28.92 -14.11
C GLU A 211 19.12 -28.13 -13.87
N LEU A 212 19.48 -27.21 -14.76
CA LEU A 212 20.68 -26.39 -14.59
C LEU A 212 20.36 -25.00 -14.08
N LEU A 213 19.09 -24.69 -13.81
CA LEU A 213 18.65 -23.33 -13.56
C LEU A 213 18.71 -23.00 -12.07
N LYS A 214 19.28 -21.82 -11.73
CA LYS A 214 19.16 -21.31 -10.37
C LYS A 214 17.74 -20.84 -10.06
N GLN A 215 17.04 -20.30 -11.05
CA GLN A 215 15.66 -19.88 -10.91
C GLN A 215 14.90 -20.30 -12.15
N GLY A 216 13.65 -20.70 -11.97
CA GLY A 216 12.78 -20.89 -13.11
C GLY A 216 12.57 -19.60 -13.87
N ALA A 217 12.18 -19.75 -15.13
CA ALA A 217 12.01 -18.62 -16.06
C ALA A 217 10.80 -18.87 -16.93
N ASP A 218 10.15 -17.78 -17.37
CA ASP A 218 9.05 -17.89 -18.31
C ASP A 218 9.61 -18.07 -19.73
N GLU A 219 8.69 -18.16 -20.71
CA GLU A 219 9.09 -18.49 -22.07
C GLU A 219 10.02 -17.43 -22.68
N GLN A 220 9.72 -16.15 -22.43
CA GLN A 220 10.57 -15.10 -22.98
C GLN A 220 12.00 -15.19 -22.44
N HIS A 221 12.17 -15.75 -21.23
CA HIS A 221 13.43 -15.69 -20.49
C HIS A 221 14.16 -17.01 -20.45
N ASN A 222 13.76 -18.04 -21.21
CA ASN A 222 14.26 -19.39 -20.97
C ASN A 222 15.25 -19.86 -22.04
N LYS A 223 16.01 -18.94 -22.63
CA LYS A 223 16.91 -19.32 -23.72
C LYS A 223 18.31 -19.66 -23.20
N SER A 224 19.38 -19.12 -23.80
CA SER A 224 20.72 -19.51 -23.40
C SER A 224 20.95 -19.29 -21.91
N ILE A 225 21.59 -20.28 -21.30
CA ILE A 225 21.97 -20.24 -19.89
C ILE A 225 23.39 -19.71 -19.76
N ILE A 226 23.55 -18.62 -19.02
CA ILE A 226 24.85 -18.11 -18.63
C ILE A 226 24.86 -18.06 -17.11
N ASN A 227 25.86 -18.69 -16.49
CA ASN A 227 26.06 -18.61 -15.04
C ASN A 227 24.85 -19.16 -14.28
N GLY A 228 24.24 -20.21 -14.83
CA GLY A 228 23.12 -20.91 -14.20
C GLY A 228 21.76 -20.28 -14.37
N VAL A 229 21.63 -19.23 -15.18
CA VAL A 229 20.36 -18.56 -15.37
C VAL A 229 20.15 -18.30 -16.86
N SER A 230 18.97 -18.65 -17.36
CA SER A 230 18.66 -18.40 -18.77
C SER A 230 18.28 -16.95 -18.98
N ARG A 231 18.50 -16.48 -20.22
CA ARG A 231 18.31 -15.09 -20.61
C ARG A 231 17.36 -15.02 -21.80
N ILE A 232 17.03 -13.78 -22.18
CA ILE A 232 16.29 -13.51 -23.42
C ILE A 232 17.28 -13.54 -24.58
N GLY A 233 17.05 -14.43 -25.54
CA GLY A 233 17.92 -14.56 -26.69
C GLY A 233 18.97 -15.65 -26.48
N TRP A 234 19.63 -16.02 -27.58
CA TRP A 234 20.65 -17.05 -27.57
C TRP A 234 22.03 -16.45 -27.74
N MET A 235 23.01 -17.04 -27.08
CA MET A 235 24.37 -16.53 -27.10
C MET A 235 25.32 -17.66 -27.48
N GLN A 236 26.14 -17.41 -28.49
CA GLN A 236 27.14 -18.37 -28.97
C GLN A 236 28.53 -17.80 -28.75
N GLY A 237 29.42 -18.63 -28.24
CA GLY A 237 30.80 -18.24 -28.05
C GLY A 237 30.93 -17.23 -26.92
N GLY A 238 32.07 -16.56 -26.92
CA GLY A 238 32.37 -15.55 -25.92
C GLY A 238 32.51 -16.06 -24.51
N GLU A 239 32.96 -17.31 -24.34
CA GLU A 239 32.94 -17.91 -23.01
C GLU A 239 33.81 -17.14 -22.02
N SER A 240 35.00 -16.72 -22.44
CA SER A 240 35.87 -16.00 -21.54
C SER A 240 35.34 -14.60 -21.21
N ALA A 241 34.37 -14.10 -21.97
CA ALA A 241 33.79 -12.80 -21.72
C ALA A 241 32.53 -12.86 -20.87
N GLU A 242 32.06 -14.05 -20.51
CA GLU A 242 30.85 -14.16 -19.70
C GLU A 242 31.03 -13.42 -18.38
N TRP A 243 30.02 -12.62 -18.04
CA TRP A 243 30.04 -11.96 -16.75
C TRP A 243 29.63 -12.94 -15.65
N HIS A 244 29.72 -12.50 -14.41
CA HIS A 244 29.29 -13.29 -13.25
C HIS A 244 28.35 -12.41 -12.42
N ASP A 245 27.05 -12.71 -12.51
CA ASP A 245 26.03 -11.83 -11.94
C ASP A 245 26.31 -11.51 -10.48
N GLU A 246 26.58 -12.55 -9.68
CA GLU A 246 26.70 -12.36 -8.25
C GLU A 246 27.90 -11.50 -7.85
N THR A 247 28.78 -11.12 -8.79
CA THR A 247 29.85 -10.17 -8.50
C THR A 247 29.72 -8.85 -9.27
N PHE A 248 28.54 -8.56 -9.81
CA PHE A 248 28.29 -7.22 -10.36
C PHE A 248 28.65 -6.13 -9.36
N ASN A 249 28.29 -6.33 -8.08
CA ASN A 249 28.53 -5.29 -7.08
C ASN A 249 30.01 -4.98 -6.95
N ILE A 250 30.87 -6.00 -7.01
CA ILE A 250 32.32 -5.78 -6.97
C ILE A 250 32.78 -5.11 -8.26
N VAL A 251 32.41 -5.69 -9.39
CA VAL A 251 32.91 -5.21 -10.68
C VAL A 251 32.54 -3.75 -10.88
N THR A 252 31.25 -3.43 -10.76
CA THR A 252 30.84 -2.06 -11.05
C THR A 252 31.39 -1.09 -10.02
N SER A 253 31.35 -1.44 -8.73
CA SER A 253 31.85 -0.47 -7.77
C SER A 253 33.35 -0.25 -7.93
N ASP A 254 34.12 -1.30 -8.24
CA ASP A 254 35.53 -1.07 -8.54
C ASP A 254 35.72 -0.10 -9.70
N LYS A 255 35.03 -0.34 -10.82
CA LYS A 255 35.19 0.56 -11.96
C LYS A 255 34.78 1.98 -11.62
N ALA A 256 33.71 2.13 -10.83
CA ALA A 256 33.31 3.48 -10.43
C ALA A 256 34.37 4.12 -9.57
N LYS A 257 34.95 3.35 -8.63
CA LYS A 257 35.98 3.88 -7.75
C LYS A 257 37.22 4.28 -8.55
N GLN A 258 37.62 3.45 -9.52
CA GLN A 258 38.75 3.80 -10.37
C GLN A 258 38.48 5.09 -11.15
N PHE A 259 37.27 5.25 -11.71
CA PHE A 259 36.98 6.45 -12.48
C PHE A 259 37.08 7.70 -11.62
N ILE A 260 36.47 7.65 -10.43
CA ILE A 260 36.49 8.81 -9.53
C ILE A 260 37.93 9.14 -9.13
N SER A 261 38.69 8.11 -8.77
CA SER A 261 40.06 8.32 -8.30
C SER A 261 40.91 8.97 -9.39
N GLU A 262 40.72 8.54 -10.64
CA GLU A 262 41.52 9.08 -11.73
C GLU A 262 41.11 10.50 -12.07
N SER A 263 39.83 10.82 -11.93
CA SER A 263 39.31 12.13 -12.31
C SER A 263 39.28 13.11 -11.14
N SER A 264 39.88 12.72 -10.01
CA SER A 264 39.69 13.43 -8.74
C SER A 264 40.23 14.87 -8.77
N LYS A 265 41.25 15.15 -9.58
CA LYS A 265 41.82 16.50 -9.65
C LYS A 265 41.06 17.41 -10.62
N GLN A 266 39.88 17.00 -11.05
CA GLN A 266 39.17 17.64 -12.15
C GLN A 266 37.67 17.44 -11.95
N PRO A 267 36.82 18.32 -12.46
CA PRO A 267 35.38 18.07 -12.39
C PRO A 267 34.99 16.84 -13.20
N PHE A 268 34.13 15.98 -12.64
CA PHE A 268 33.74 14.78 -13.35
C PHE A 268 32.26 14.52 -13.18
N PHE A 269 31.70 13.81 -14.17
CA PHE A 269 30.31 13.35 -14.16
C PHE A 269 30.29 11.84 -14.21
N LEU A 270 29.73 11.19 -13.20
CA LEU A 270 29.62 9.74 -13.18
C LEU A 270 28.14 9.34 -13.18
N LEU A 271 27.69 8.71 -14.26
CA LEU A 271 26.38 8.08 -14.29
C LEU A 271 26.57 6.61 -13.92
N PHE A 272 26.07 6.25 -12.74
CA PHE A 272 26.22 4.90 -12.21
C PHE A 272 24.90 4.17 -12.39
N SER A 273 24.85 3.29 -13.36
CA SER A 273 23.60 2.75 -13.87
C SER A 273 23.47 1.33 -13.35
N PHE A 274 22.70 1.16 -12.29
CA PHE A 274 22.59 -0.15 -11.64
C PHE A 274 21.96 -1.19 -12.56
N HIS A 275 22.37 -2.45 -12.37
CA HIS A 275 21.49 -3.53 -12.79
C HIS A 275 20.44 -3.83 -11.72
N ASP A 276 20.81 -3.78 -10.43
CA ASP A 276 19.80 -3.85 -9.37
C ASP A 276 18.74 -2.77 -9.59
N ILE A 277 17.48 -3.09 -9.31
CA ILE A 277 17.01 -4.36 -8.79
C ILE A 277 16.23 -5.13 -9.87
N HIS A 278 16.70 -5.04 -11.12
CA HIS A 278 16.11 -5.68 -12.29
C HIS A 278 16.32 -7.21 -12.25
N VAL A 279 15.45 -7.95 -12.93
CA VAL A 279 15.63 -9.40 -13.03
C VAL A 279 16.73 -9.71 -14.05
N PRO A 280 17.45 -10.84 -13.92
CA PRO A 280 17.34 -11.75 -12.78
C PRO A 280 18.05 -11.13 -11.57
N ARG A 281 17.42 -11.21 -10.41
CA ARG A 281 18.05 -10.74 -9.18
C ARG A 281 18.93 -11.87 -8.69
N LEU A 282 20.24 -11.68 -8.83
CA LEU A 282 21.23 -12.64 -8.39
C LEU A 282 22.24 -11.90 -7.52
N PRO A 283 21.86 -11.53 -6.30
CA PRO A 283 22.76 -10.74 -5.46
C PRO A 283 23.97 -11.55 -4.99
N ASN A 284 25.04 -10.83 -4.71
CA ASN A 284 26.20 -11.44 -4.07
C ASN A 284 25.76 -12.25 -2.85
N GLU A 285 26.42 -13.38 -2.64
CA GLU A 285 26.00 -14.28 -1.56
C GLU A 285 25.98 -13.57 -0.21
N MET A 286 26.83 -12.55 -0.02
CA MET A 286 26.85 -11.89 1.29
C MET A 286 25.54 -11.15 1.62
N PHE A 287 24.69 -10.87 0.63
CA PHE A 287 23.41 -10.22 0.89
C PHE A 287 22.24 -11.18 0.95
N ARG A 288 22.45 -12.46 0.61
CA ARG A 288 21.35 -13.42 0.55
C ARG A 288 20.81 -13.71 1.94
N GLY A 289 19.49 -13.62 2.10
CA GLY A 289 18.92 -13.82 3.41
C GLY A 289 18.97 -12.60 4.31
N LYS A 290 19.51 -11.47 3.84
CA LYS A 290 19.50 -10.28 4.70
C LYS A 290 18.09 -9.75 4.91
N THR A 291 17.16 -10.06 4.00
CA THR A 291 15.75 -9.75 4.14
C THR A 291 14.96 -11.06 4.14
N ASN A 292 13.69 -10.99 4.48
CA ASN A 292 12.78 -12.12 4.34
C ASN A 292 11.98 -12.04 3.05
N MET A 293 12.45 -11.29 2.05
CA MET A 293 11.70 -11.09 0.82
C MET A 293 12.31 -11.83 -0.36
N GLY A 294 13.33 -12.65 -0.13
CA GLY A 294 13.94 -13.37 -1.22
C GLY A 294 14.90 -12.49 -2.02
N ALA A 295 15.17 -12.95 -3.25
CA ALA A 295 16.20 -12.34 -4.09
C ALA A 295 15.91 -10.85 -4.37
N ARG A 296 14.64 -10.47 -4.54
CA ARG A 296 14.35 -9.07 -4.83
C ARG A 296 14.72 -8.18 -3.64
N GLY A 297 14.29 -8.54 -2.44
CA GLY A 297 14.65 -7.77 -1.27
C GLY A 297 16.16 -7.75 -1.03
N ASP A 298 16.81 -8.91 -1.22
CA ASP A 298 18.25 -8.96 -1.02
C ASP A 298 18.99 -8.15 -2.08
N SER A 299 18.39 -7.93 -3.25
CA SER A 299 19.01 -7.05 -4.24
C SER A 299 18.93 -5.59 -3.80
N ILE A 300 17.87 -5.23 -3.08
CA ILE A 300 17.80 -3.87 -2.55
C ILE A 300 18.96 -3.63 -1.59
N VAL A 301 19.28 -4.64 -0.76
CA VAL A 301 20.39 -4.53 0.18
C VAL A 301 21.71 -4.34 -0.57
N GLN A 302 21.93 -5.17 -1.59
CA GLN A 302 23.15 -5.04 -2.40
C GLN A 302 23.23 -3.67 -3.04
N MET A 303 22.13 -3.24 -3.64
CA MET A 303 22.10 -1.91 -4.25
C MET A 303 22.49 -0.83 -3.25
N ASP A 304 22.07 -0.96 -1.98
CA ASP A 304 22.44 0.04 -0.98
C ASP A 304 23.92 -0.05 -0.60
N TRP A 305 24.46 -1.27 -0.50
CA TRP A 305 25.90 -1.46 -0.27
C TRP A 305 26.74 -0.85 -1.38
N THR A 306 26.33 -1.06 -2.63
CA THR A 306 27.07 -0.55 -3.76
C THR A 306 27.14 0.97 -3.72
N THR A 307 26.00 1.60 -3.40
CA THR A 307 25.98 3.06 -3.24
C THR A 307 26.94 3.52 -2.16
N GLY A 308 26.96 2.81 -1.03
CA GLY A 308 27.88 3.18 0.03
C GLY A 308 29.33 3.10 -0.40
N GLN A 309 29.68 2.08 -1.19
CA GLN A 309 31.03 1.99 -1.73
C GLN A 309 31.41 3.24 -2.51
N VAL A 310 30.50 3.74 -3.35
CA VAL A 310 30.83 4.91 -4.15
C VAL A 310 30.83 6.17 -3.29
N VAL A 311 29.88 6.27 -2.36
CA VAL A 311 29.82 7.43 -1.47
C VAL A 311 31.06 7.51 -0.60
N GLU A 312 31.50 6.37 -0.06
CA GLU A 312 32.66 6.42 0.83
C GLU A 312 33.93 6.76 0.06
N LYS A 313 34.05 6.32 -1.20
CA LYS A 313 35.20 6.74 -1.98
C LYS A 313 35.18 8.25 -2.18
N LEU A 314 34.01 8.84 -2.44
CA LEU A 314 33.93 10.29 -2.56
C LEU A 314 34.36 10.96 -1.25
N ARG A 315 33.96 10.38 -0.11
CA ARG A 315 34.29 10.99 1.18
C ARG A 315 35.79 10.92 1.45
N GLU A 316 36.39 9.75 1.26
CA GLU A 316 37.80 9.58 1.62
C GLU A 316 38.73 10.45 0.79
N LEU A 317 38.37 10.75 -0.46
CA LEU A 317 39.13 11.68 -1.31
C LEU A 317 38.72 13.12 -1.08
N ASN A 318 37.89 13.38 -0.07
CA ASN A 318 37.37 14.71 0.27
C ASN A 318 36.68 15.38 -0.90
N LEU A 319 35.85 14.63 -1.60
CA LEU A 319 35.06 15.20 -2.68
C LEU A 319 33.57 15.30 -2.36
N LEU A 320 33.13 14.77 -1.22
CA LEU A 320 31.70 14.57 -1.00
C LEU A 320 30.93 15.87 -0.80
N ASP A 321 31.51 16.85 -0.09
CA ASP A 321 30.74 18.07 0.18
C ASP A 321 30.57 18.92 -1.07
N ASN A 322 31.47 18.80 -2.03
CA ASN A 322 31.40 19.49 -3.32
C ASN A 322 31.06 18.53 -4.45
N THR A 323 30.19 17.56 -4.17
CA THR A 323 29.65 16.70 -5.20
C THR A 323 28.13 16.82 -5.17
N LEU A 324 27.53 17.09 -6.32
CA LEU A 324 26.08 16.96 -6.43
C LEU A 324 25.80 15.48 -6.65
N VAL A 325 25.27 14.80 -5.62
CA VAL A 325 24.85 13.40 -5.74
C VAL A 325 23.34 13.37 -5.96
N ILE A 326 22.92 12.65 -6.99
CA ILE A 326 21.51 12.46 -7.31
C ILE A 326 21.24 10.97 -7.34
N PHE A 327 20.27 10.53 -6.56
CA PHE A 327 19.93 9.10 -6.45
C PHE A 327 18.47 8.93 -6.85
N THR A 328 18.24 8.14 -7.91
CA THR A 328 16.88 7.99 -8.42
C THR A 328 16.79 6.70 -9.25
N SER A 329 15.67 6.55 -9.97
CA SER A 329 15.25 5.28 -10.55
C SER A 329 14.73 5.48 -11.98
N ASP A 330 14.82 4.44 -12.82
CA ASP A 330 14.39 4.65 -14.20
C ASP A 330 12.89 4.43 -14.39
N ASN A 331 12.24 3.65 -13.52
CA ASN A 331 10.80 3.46 -13.57
C ASN A 331 10.38 2.82 -12.27
N GLY A 332 9.07 2.68 -12.09
CA GLY A 332 8.50 2.11 -10.88
C GLY A 332 8.72 0.61 -10.80
N ALA A 333 8.20 0.03 -9.72
CA ALA A 333 8.56 -1.31 -9.27
C ALA A 333 7.72 -2.41 -9.89
N VAL A 334 8.29 -3.61 -9.88
CA VAL A 334 7.64 -4.81 -10.37
C VAL A 334 8.09 -5.97 -9.50
N LEU A 335 7.17 -6.87 -9.18
CA LEU A 335 7.54 -8.05 -8.39
C LEU A 335 7.88 -9.20 -9.33
N THR A 336 6.88 -9.73 -10.05
CA THR A 336 7.06 -10.85 -10.98
C THR A 336 7.37 -10.32 -12.38
N ASP A 337 8.64 -10.42 -12.81
CA ASP A 337 9.03 -9.87 -14.11
C ASP A 337 9.66 -10.90 -15.05
N GLY A 338 9.54 -12.20 -14.73
CA GLY A 338 9.96 -13.21 -15.69
C GLY A 338 10.67 -14.40 -15.08
N TYR A 339 11.10 -14.30 -13.83
CA TYR A 339 11.78 -15.38 -13.13
C TYR A 339 10.97 -15.79 -11.91
N ASP A 340 11.12 -17.06 -11.51
CA ASP A 340 10.49 -17.59 -10.30
C ASP A 340 11.46 -17.32 -9.15
N ASP A 341 11.43 -16.08 -8.68
CA ASP A 341 12.32 -15.64 -7.62
C ASP A 341 11.57 -15.35 -6.32
N GLU A 342 10.30 -15.75 -6.23
CA GLU A 342 9.46 -15.60 -5.03
C GLU A 342 9.19 -14.13 -4.68
N ALA A 343 9.36 -13.20 -5.61
CA ALA A 343 9.21 -11.80 -5.25
C ALA A 343 7.78 -11.51 -4.77
N LEU A 344 6.79 -12.11 -5.41
CA LEU A 344 5.42 -11.90 -4.96
C LEU A 344 5.08 -12.78 -3.77
N LYS A 345 5.54 -14.03 -3.78
CA LYS A 345 5.18 -14.95 -2.69
C LYS A 345 5.70 -14.46 -1.35
N ARG A 346 6.89 -13.86 -1.34
CA ARG A 346 7.49 -13.45 -0.07
C ARG A 346 7.46 -11.94 0.14
N ILE A 347 6.54 -11.23 -0.54
CA ILE A 347 6.44 -9.77 -0.40
C ILE A 347 6.15 -9.37 1.05
N GLY A 348 5.42 -10.20 1.79
CA GLY A 348 5.09 -9.83 3.17
C GLY A 348 4.28 -8.53 3.24
N THR A 349 4.65 -7.66 4.18
CA THR A 349 4.03 -6.35 4.39
C THR A 349 4.61 -5.27 3.52
N HIS A 350 5.60 -5.58 2.71
CA HIS A 350 6.32 -4.56 1.98
C HIS A 350 5.45 -3.96 0.89
N LYS A 351 5.41 -2.61 0.84
CA LYS A 351 4.72 -1.84 -0.18
C LYS A 351 5.74 -1.22 -1.13
N GLN A 352 6.11 -1.98 -2.18
CA GLN A 352 7.21 -1.53 -3.04
C GLN A 352 6.89 -0.23 -3.79
N ASN A 353 5.61 0.08 -3.99
CA ASN A 353 5.19 1.33 -4.64
C ASN A 353 4.58 2.31 -3.65
N GLY A 354 4.79 2.11 -2.37
CA GLY A 354 4.16 2.94 -1.36
C GLY A 354 2.65 2.94 -1.54
N PRO A 355 2.02 4.10 -1.39
CA PRO A 355 0.56 4.18 -1.55
C PRO A 355 0.10 4.27 -2.99
N TYR A 356 0.99 4.23 -3.96
CA TYR A 356 0.61 4.63 -5.31
C TYR A 356 0.22 3.40 -6.14
N ARG A 357 -0.82 3.57 -6.93
CA ARG A 357 -1.33 2.51 -7.76
C ARG A 357 -0.37 2.28 -8.95
N GLY A 358 -0.36 1.04 -9.46
CA GLY A 358 0.45 0.75 -10.63
C GLY A 358 1.82 0.18 -10.35
N GLY A 359 2.80 0.61 -11.10
CA GLY A 359 4.12 0.02 -11.01
C GLY A 359 4.79 0.12 -12.37
N LYS A 360 5.87 -0.65 -12.54
CA LYS A 360 6.49 -0.77 -13.86
C LYS A 360 5.41 -1.01 -14.91
N TYR A 361 5.58 -0.40 -16.07
CA TYR A 361 4.72 -0.48 -17.24
C TYR A 361 3.42 0.32 -17.11
N SER A 362 3.07 0.83 -15.94
CA SER A 362 1.74 1.42 -15.71
C SER A 362 1.70 2.92 -15.99
N ILE A 363 0.52 3.39 -16.44
CA ILE A 363 0.26 4.84 -16.52
C ILE A 363 -0.27 5.41 -15.21
N TYR A 364 -0.60 4.56 -14.23
CA TYR A 364 -0.87 5.08 -12.90
C TYR A 364 0.42 5.61 -12.28
N GLU A 365 0.27 6.31 -11.16
CA GLU A 365 1.36 7.12 -10.59
C GLU A 365 2.62 6.31 -10.32
N ALA A 366 2.48 5.07 -9.86
CA ALA A 366 3.67 4.30 -9.49
C ALA A 366 4.50 3.90 -10.70
N GLY A 367 3.99 4.11 -11.91
CA GLY A 367 4.80 3.87 -13.09
C GLY A 367 5.99 4.81 -13.18
N THR A 368 5.79 6.08 -12.85
CA THR A 368 6.87 7.04 -12.89
C THR A 368 7.21 7.70 -11.56
N ARG A 369 6.37 7.59 -10.53
CA ARG A 369 6.67 8.27 -9.27
C ARG A 369 7.69 7.43 -8.51
N ILE A 370 8.92 7.93 -8.41
CA ILE A 370 10.05 7.11 -8.00
C ILE A 370 10.84 7.85 -6.93
N PRO A 371 11.72 7.15 -6.21
CA PRO A 371 12.59 7.86 -5.26
C PRO A 371 13.50 8.83 -6.01
N PHE A 372 13.77 9.95 -5.38
CA PHE A 372 14.58 11.01 -5.95
C PHE A 372 15.20 11.77 -4.79
N ILE A 373 16.53 11.71 -4.69
CA ILE A 373 17.26 12.27 -3.56
C ILE A 373 18.39 13.14 -4.11
N VAL A 374 18.52 14.35 -3.57
CA VAL A 374 19.63 15.24 -3.89
C VAL A 374 20.50 15.39 -2.65
N HIS A 375 21.80 15.21 -2.81
CA HIS A 375 22.75 15.37 -1.72
C HIS A 375 23.94 16.20 -2.21
N TYR A 376 24.14 17.35 -1.60
CA TYR A 376 25.12 18.30 -2.08
C TYR A 376 25.45 19.22 -0.92
N PRO A 377 26.29 18.77 0.02
CA PRO A 377 26.37 19.47 1.31
C PRO A 377 26.76 20.94 1.22
N ASN A 378 27.65 21.32 0.29
CA ASN A 378 28.07 22.72 0.21
C ASN A 378 26.94 23.66 -0.22
N ARG A 379 25.85 23.14 -0.80
CA ARG A 379 24.81 24.01 -1.34
C ARG A 379 23.37 23.64 -1.01
N VAL A 380 23.10 22.48 -0.43
CA VAL A 380 21.74 21.97 -0.31
C VAL A 380 21.50 21.61 1.15
N LYS A 381 20.56 22.33 1.80
CA LYS A 381 20.19 22.06 3.18
C LYS A 381 19.18 20.92 3.24
N PRO A 382 19.26 20.06 4.24
CA PRO A 382 18.33 18.91 4.30
C PRO A 382 16.87 19.34 4.30
N GLY A 383 16.02 18.49 3.73
CA GLY A 383 14.60 18.75 3.73
C GLY A 383 13.84 17.67 2.98
N VAL A 384 12.52 17.85 2.89
CA VAL A 384 11.65 16.97 2.13
C VAL A 384 10.78 17.86 1.24
N SER A 385 10.79 17.59 -0.06
CA SER A 385 10.08 18.42 -1.01
C SER A 385 8.91 17.65 -1.60
N ASN A 386 7.75 18.30 -1.64
CA ASN A 386 6.55 17.79 -2.26
C ASN A 386 6.33 18.41 -3.63
N SER A 387 7.34 19.08 -4.18
CA SER A 387 7.16 19.72 -5.47
C SER A 387 7.09 18.67 -6.57
N LEU A 388 6.26 18.94 -7.58
CA LEU A 388 6.11 18.06 -8.73
C LEU A 388 7.38 18.18 -9.56
N PHE A 389 8.22 17.15 -9.53
CA PHE A 389 9.53 17.28 -10.12
C PHE A 389 9.78 16.21 -11.18
N SER A 390 10.54 16.57 -12.21
CA SER A 390 10.78 15.70 -13.36
C SER A 390 12.28 15.51 -13.59
N GLN A 391 12.69 14.25 -13.70
CA GLN A 391 14.05 13.92 -14.13
C GLN A 391 14.41 14.57 -15.48
N ILE A 392 13.41 14.86 -16.32
CA ILE A 392 13.69 15.46 -17.63
C ILE A 392 14.34 16.83 -17.46
N ASP A 393 14.12 17.49 -16.32
CA ASP A 393 14.65 18.81 -16.04
C ASP A 393 16.06 18.80 -15.43
N LEU A 394 16.69 17.62 -15.31
CA LEU A 394 18.07 17.61 -14.81
C LEU A 394 18.98 18.31 -15.79
N TYR A 395 18.77 18.09 -17.08
CA TYR A 395 19.58 18.70 -18.13
C TYR A 395 19.60 20.23 -18.00
N ALA A 396 18.43 20.87 -18.05
CA ALA A 396 18.39 22.33 -18.00
C ALA A 396 18.78 22.87 -16.63
N SER A 397 18.43 22.16 -15.56
CA SER A 397 18.79 22.67 -14.25
C SER A 397 20.30 22.61 -14.05
N ILE A 398 20.95 21.59 -14.58
CA ILE A 398 22.40 21.52 -14.46
C ILE A 398 23.05 22.57 -15.34
N ALA A 399 22.51 22.75 -16.55
CA ALA A 399 22.98 23.83 -17.41
C ALA A 399 22.90 25.18 -16.70
N GLU A 400 21.81 25.41 -15.96
CA GLU A 400 21.69 26.63 -15.18
C GLU A 400 22.76 26.69 -14.10
N LEU A 401 23.04 25.57 -13.46
CA LEU A 401 24.03 25.57 -12.38
C LEU A 401 25.41 25.96 -12.91
N LEU A 402 25.69 25.67 -14.18
CA LEU A 402 27.01 25.87 -14.73
C LEU A 402 27.07 27.03 -15.73
N GLY A 403 25.99 27.81 -15.86
CA GLY A 403 25.98 28.96 -16.74
C GLY A 403 25.99 28.62 -18.22
N VAL A 404 25.49 27.46 -18.60
CA VAL A 404 25.50 27.01 -19.99
C VAL A 404 24.18 27.46 -20.64
N PRO A 405 24.21 28.37 -21.62
CA PRO A 405 22.98 28.68 -22.35
C PRO A 405 22.58 27.51 -23.22
N LEU A 406 21.28 27.38 -23.44
CA LEU A 406 20.71 26.27 -24.20
C LEU A 406 20.07 26.83 -25.48
N GLU A 407 20.24 26.10 -26.58
CA GLU A 407 19.70 26.54 -27.85
C GLU A 407 18.20 26.29 -27.92
N GLU A 408 17.54 27.05 -28.81
CA GLU A 408 16.08 27.02 -28.83
C GLU A 408 15.55 25.64 -29.16
N THR A 409 16.37 24.80 -29.78
CA THR A 409 15.99 23.44 -30.14
C THR A 409 16.64 22.40 -29.24
N GLU A 410 17.22 22.82 -28.11
CA GLU A 410 17.99 21.94 -27.25
C GLU A 410 17.20 21.52 -26.00
N ALA A 411 17.12 20.21 -25.76
CA ALA A 411 16.51 19.66 -24.56
C ALA A 411 15.16 20.31 -24.31
N ILE A 412 14.29 20.25 -25.33
CA ILE A 412 13.19 21.22 -25.39
C ILE A 412 12.23 21.05 -24.22
N ASP A 413 12.16 19.87 -23.62
CA ASP A 413 11.28 19.69 -22.49
C ASP A 413 11.94 19.97 -21.15
N SER A 414 13.25 20.14 -21.12
CA SER A 414 13.99 20.32 -19.87
C SER A 414 13.85 21.75 -19.38
N GLN A 415 13.31 21.92 -18.18
CA GLN A 415 13.11 23.24 -17.60
C GLN A 415 14.18 23.52 -16.55
N ASN A 416 14.53 24.80 -16.42
CA ASN A 416 15.39 25.27 -15.35
C ASN A 416 14.62 25.14 -14.05
N GLN A 417 14.95 24.12 -13.27
CA GLN A 417 14.34 23.85 -11.98
C GLN A 417 15.41 23.66 -10.92
N LEU A 418 16.54 24.34 -11.09
CA LEU A 418 17.62 24.30 -10.10
C LEU A 418 17.17 24.81 -8.74
N SER A 419 16.27 25.79 -8.72
CA SER A 419 15.81 26.33 -7.44
C SER A 419 15.09 25.29 -6.57
N PRO A 420 14.01 24.62 -7.03
CA PRO A 420 13.42 23.55 -6.20
C PRO A 420 14.32 22.33 -6.04
N LEU A 421 15.22 22.08 -6.99
CA LEU A 421 16.16 20.98 -6.88
C LEU A 421 17.08 21.13 -5.67
N PHE A 422 17.48 22.37 -5.34
CA PHE A 422 18.41 22.62 -4.25
C PHE A 422 17.73 23.11 -2.98
N ASP A 423 16.43 23.44 -3.04
CA ASP A 423 15.74 24.06 -1.91
C ASP A 423 14.37 23.40 -1.76
N ALA A 424 14.18 22.66 -0.66
CA ALA A 424 12.95 21.88 -0.46
C ALA A 424 11.70 22.76 -0.33
N SER A 425 11.85 24.05 -0.03
CA SER A 425 10.68 24.93 0.09
C SER A 425 10.19 25.48 -1.25
N LYS A 426 10.91 25.27 -2.33
CA LYS A 426 10.55 25.89 -3.60
C LYS A 426 9.68 24.97 -4.44
N LEU A 427 8.72 25.57 -5.13
CA LEU A 427 7.91 24.83 -6.07
C LEU A 427 8.70 24.55 -7.34
N ALA A 428 8.22 23.55 -8.09
CA ALA A 428 8.81 23.21 -9.38
C ALA A 428 7.75 23.28 -10.47
N ARG A 429 7.40 22.13 -11.07
CA ARG A 429 6.45 22.12 -12.17
C ARG A 429 5.02 22.28 -11.70
N LYS A 430 4.19 22.83 -12.58
CA LYS A 430 2.76 22.71 -12.45
C LYS A 430 2.21 21.59 -13.32
N THR A 431 2.86 21.34 -14.46
CA THR A 431 2.39 20.36 -15.42
C THR A 431 3.53 19.41 -15.79
N LEU A 432 3.19 18.14 -15.96
CA LEU A 432 4.16 17.11 -16.32
C LEU A 432 3.43 16.00 -17.05
N VAL A 433 3.93 15.63 -18.20
CA VAL A 433 3.39 14.53 -18.98
C VAL A 433 4.01 13.22 -18.49
N GLN A 434 3.19 12.20 -18.36
CA GLN A 434 3.66 10.87 -18.02
C GLN A 434 3.39 9.94 -19.18
N GLU A 435 4.31 9.01 -19.42
CA GLU A 435 4.45 8.30 -20.68
C GLU A 435 4.50 6.79 -20.47
N THR A 436 3.75 6.04 -21.26
CA THR A 436 3.93 4.59 -21.39
C THR A 436 3.66 4.25 -22.85
N PRO A 437 4.01 3.06 -23.35
CA PRO A 437 3.69 2.75 -24.75
C PRO A 437 2.20 2.70 -25.06
N HIS A 438 1.37 2.35 -24.06
CA HIS A 438 -0.06 2.14 -24.26
C HIS A 438 -0.92 3.36 -23.97
N ALA A 439 -0.39 4.37 -23.26
CA ALA A 439 -1.21 5.54 -22.97
C ALA A 439 -0.31 6.63 -22.44
N LYS A 440 -0.71 7.87 -22.71
CA LYS A 440 -0.08 9.03 -22.12
C LYS A 440 -0.98 9.57 -21.02
N GLY A 441 -0.37 10.29 -20.08
CA GLY A 441 -1.10 10.93 -19.02
C GLY A 441 -0.55 12.32 -18.73
N LEU A 442 -1.26 13.03 -17.86
CA LEU A 442 -0.89 14.40 -17.54
C LEU A 442 -1.20 14.68 -16.07
N ARG A 443 -0.18 15.20 -15.36
CA ARG A 443 -0.34 15.74 -14.02
C ARG A 443 -0.47 17.25 -14.15
N GLU A 444 -1.44 17.83 -13.44
CA GLU A 444 -1.51 19.27 -13.24
C GLU A 444 -1.75 19.49 -11.75
N ASN A 445 -0.72 19.95 -11.05
CA ASN A 445 -0.74 19.91 -9.60
C ASN A 445 -1.16 18.52 -9.14
N SER A 446 -2.22 18.40 -8.35
CA SER A 446 -2.65 17.10 -7.85
C SER A 446 -3.67 16.43 -8.73
N TRP A 447 -4.03 17.05 -9.85
CA TRP A 447 -4.90 16.41 -10.83
C TRP A 447 -4.09 15.42 -11.65
N LYS A 448 -4.70 14.27 -11.95
CA LYS A 448 -4.07 13.27 -12.80
C LYS A 448 -5.05 12.86 -13.90
N TYR A 449 -4.64 13.02 -15.15
CA TYR A 449 -5.48 12.69 -16.29
C TYR A 449 -4.85 11.55 -17.07
N ILE A 450 -5.67 10.60 -17.50
CA ILE A 450 -5.18 9.46 -18.27
C ILE A 450 -6.00 9.40 -19.54
N ARG A 451 -5.32 9.48 -20.68
CA ARG A 451 -5.96 9.51 -21.97
C ARG A 451 -6.51 8.13 -22.31
N PRO A 452 -7.71 8.04 -22.86
CA PRO A 452 -8.25 6.74 -23.26
C PRO A 452 -7.52 6.17 -24.46
N THR A 453 -7.58 4.85 -24.55
CA THR A 453 -6.90 4.10 -25.58
C THR A 453 -7.73 2.84 -25.88
N GLU A 454 -7.82 2.50 -27.17
CA GLU A 454 -8.39 1.22 -27.54
C GLU A 454 -7.40 0.07 -27.39
N LYS A 455 -6.11 0.36 -27.18
CA LYS A 455 -5.08 -0.68 -27.15
C LYS A 455 -5.28 -1.63 -25.97
N ASP A 456 -4.96 -2.91 -26.19
CA ASP A 456 -5.24 -4.00 -25.25
C ASP A 456 -3.92 -4.47 -24.65
N VAL A 457 -3.78 -4.31 -23.33
CA VAL A 457 -2.56 -4.69 -22.62
C VAL A 457 -2.91 -5.60 -21.45
N ALA A 458 -3.63 -6.69 -21.73
CA ALA A 458 -3.98 -7.66 -20.69
C ALA A 458 -2.78 -8.48 -20.24
N TRP A 459 -1.74 -8.58 -21.05
CA TRP A 459 -0.56 -9.33 -20.60
C TRP A 459 0.12 -8.67 -19.40
N VAL A 460 -0.07 -7.37 -19.18
CA VAL A 460 0.55 -6.76 -18.01
C VAL A 460 -0.10 -7.27 -16.72
N LYS A 461 -1.44 -7.31 -16.67
CA LYS A 461 -2.09 -7.85 -15.48
C LYS A 461 -1.75 -9.31 -15.26
N ALA A 462 -1.77 -10.10 -16.34
CA ALA A 462 -1.55 -11.54 -16.23
C ALA A 462 -0.12 -11.85 -15.85
N LYS A 463 0.83 -11.39 -16.67
CA LYS A 463 2.22 -11.80 -16.45
C LYS A 463 2.92 -10.95 -15.39
N LYS A 464 2.57 -9.67 -15.27
CA LYS A 464 3.34 -8.76 -14.42
C LYS A 464 2.68 -8.42 -13.09
N ASN A 465 1.44 -8.84 -12.87
CA ASN A 465 0.69 -8.52 -11.65
C ASN A 465 0.69 -7.01 -11.37
N ILE A 466 0.56 -6.22 -12.45
CA ILE A 466 0.49 -4.77 -12.40
C ILE A 466 -0.66 -4.32 -13.30
N ASP A 467 -1.50 -3.42 -12.80
CA ASP A 467 -2.53 -2.80 -13.62
C ASP A 467 -1.89 -1.76 -14.51
N PRO A 468 -1.85 -1.98 -15.84
CA PRO A 468 -1.21 -1.00 -16.72
C PRO A 468 -1.96 0.31 -16.79
N GLY A 469 -3.22 0.33 -16.40
CA GLY A 469 -3.92 1.60 -16.25
C GLY A 469 -4.68 2.10 -17.46
N THR A 470 -4.87 1.28 -18.48
CA THR A 470 -5.60 1.74 -19.66
C THR A 470 -7.08 1.45 -19.51
N SER A 471 -7.87 2.39 -20.02
CA SER A 471 -9.31 2.27 -20.04
C SER A 471 -9.73 2.89 -21.35
N LYS A 472 -10.82 2.38 -21.92
CA LYS A 472 -11.29 2.99 -23.14
C LYS A 472 -12.00 4.31 -22.88
N ALA A 473 -12.23 4.65 -21.61
CA ALA A 473 -12.81 5.87 -21.06
C ALA A 473 -11.72 6.76 -20.45
N PRO A 474 -11.89 8.08 -20.46
CA PRO A 474 -10.91 8.97 -19.83
C PRO A 474 -10.93 8.80 -18.33
N GLN A 475 -9.78 9.04 -17.71
CA GLN A 475 -9.68 9.00 -16.26
C GLN A 475 -9.18 10.32 -15.72
N LEU A 476 -9.78 10.77 -14.62
CA LEU A 476 -9.31 11.95 -13.93
C LEU A 476 -9.34 11.66 -12.45
N PHE A 477 -8.25 11.97 -11.76
CA PHE A 477 -8.15 11.71 -10.34
C PHE A 477 -7.65 12.97 -9.66
N ASP A 478 -8.07 13.14 -8.41
CA ASP A 478 -7.54 14.13 -7.49
C ASP A 478 -6.69 13.37 -6.48
N LEU A 479 -5.37 13.48 -6.61
CA LEU A 479 -4.45 12.72 -5.78
C LEU A 479 -4.47 13.14 -4.31
N ASP A 480 -4.96 14.35 -4.02
CA ASP A 480 -5.02 14.81 -2.63
C ASP A 480 -5.96 13.95 -1.81
N THR A 481 -7.15 13.69 -2.35
CA THR A 481 -8.13 12.85 -1.66
C THR A 481 -8.06 11.40 -2.10
N ASP A 482 -7.56 11.13 -3.30
CA ASP A 482 -7.57 9.79 -3.89
C ASP A 482 -6.17 9.49 -4.42
N PRO A 483 -5.17 9.39 -3.52
CA PRO A 483 -3.80 9.19 -3.97
C PRO A 483 -3.57 7.84 -4.68
N SER A 484 -4.42 6.84 -4.45
CA SER A 484 -4.30 5.54 -5.09
C SER A 484 -5.09 5.45 -6.38
N GLU A 485 -5.60 6.57 -6.90
CA GLU A 485 -6.25 6.63 -8.21
C GLU A 485 -7.41 5.62 -8.35
N LEU A 486 -8.33 5.66 -7.38
CA LEU A 486 -9.45 4.73 -7.29
C LEU A 486 -10.80 5.31 -7.74
N HIS A 487 -10.98 6.63 -7.66
CA HIS A 487 -12.28 7.24 -7.91
C HIS A 487 -12.17 8.14 -9.14
N ASN A 488 -12.62 7.62 -10.28
CA ASN A 488 -12.55 8.36 -11.54
C ASN A 488 -13.54 9.52 -11.49
N LEU A 489 -13.01 10.73 -11.61
CA LEU A 489 -13.81 11.94 -11.64
C LEU A 489 -14.03 12.48 -13.06
N ALA A 490 -13.74 11.69 -14.09
CA ALA A 490 -13.85 12.19 -15.47
C ALA A 490 -15.26 12.68 -15.78
N ALA A 491 -16.29 11.91 -15.38
CA ALA A 491 -17.67 12.28 -15.66
C ALA A 491 -18.15 13.41 -14.76
N LYS A 492 -17.50 13.62 -13.62
CA LYS A 492 -17.90 14.72 -12.76
C LYS A 492 -17.32 16.05 -13.23
N TYR A 493 -16.15 16.04 -13.88
CA TYR A 493 -15.50 17.26 -14.35
C TYR A 493 -15.05 17.12 -15.80
N PRO A 494 -16.00 17.01 -16.74
CA PRO A 494 -15.60 16.87 -18.15
C PRO A 494 -14.91 18.09 -18.71
N ASP A 495 -15.16 19.28 -18.17
CA ASP A 495 -14.39 20.44 -18.65
C ASP A 495 -12.94 20.31 -18.23
N LYS A 496 -12.71 19.82 -17.00
CA LYS A 496 -11.34 19.58 -16.55
C LYS A 496 -10.65 18.53 -17.40
N VAL A 497 -11.37 17.45 -17.75
CA VAL A 497 -10.80 16.45 -18.65
C VAL A 497 -10.38 17.08 -19.97
N LYS A 498 -11.30 17.86 -20.58
CA LYS A 498 -11.00 18.53 -21.85
C LYS A 498 -9.80 19.45 -21.74
N LEU A 499 -9.73 20.22 -20.65
CA LEU A 499 -8.60 21.12 -20.43
C LEU A 499 -7.29 20.36 -20.37
N LEU A 500 -7.27 19.21 -19.68
CA LEU A 500 -6.01 18.51 -19.52
C LEU A 500 -5.60 17.81 -20.80
N GLU A 501 -6.56 17.22 -21.53
CA GLU A 501 -6.27 16.66 -22.84
C GLU A 501 -5.75 17.70 -23.81
N GLN A 502 -6.33 18.90 -23.81
CA GLN A 502 -5.82 19.95 -24.69
C GLN A 502 -4.39 20.31 -24.30
N LYS A 503 -4.12 20.41 -23.00
CA LYS A 503 -2.76 20.70 -22.54
C LYS A 503 -1.78 19.61 -22.98
N LEU A 504 -2.23 18.35 -22.95
CA LEU A 504 -1.36 17.26 -23.37
C LEU A 504 -1.07 17.35 -24.87
N GLN A 505 -2.06 17.80 -25.65
CA GLN A 505 -1.81 17.97 -27.08
C GLN A 505 -0.82 19.11 -27.32
N ASP A 506 -0.96 20.21 -26.58
CA ASP A 506 0.00 21.30 -26.73
C ASP A 506 1.43 20.80 -26.52
N ILE A 507 1.65 19.93 -25.52
CA ILE A 507 3.00 19.47 -25.23
C ILE A 507 3.49 18.51 -26.31
N GLU A 508 2.61 17.63 -26.77
CA GLU A 508 2.97 16.74 -27.87
C GLU A 508 3.42 17.50 -29.10
N LEU A 509 2.87 18.71 -29.31
CA LEU A 509 3.14 19.52 -30.49
C LEU A 509 4.30 20.48 -30.31
N GLN A 510 4.72 20.72 -29.07
CA GLN A 510 5.85 21.59 -28.80
C GLN A 510 7.09 21.12 -29.58
N SER A 511 7.88 22.09 -30.01
CA SER A 511 9.07 21.82 -30.82
C SER A 511 10.29 22.65 -30.43
N ILE A 512 10.16 23.65 -29.56
CA ILE A 512 11.27 24.45 -29.08
C ILE A 512 11.09 24.66 -27.59
N ARG A 513 12.02 25.38 -26.97
CA ARG A 513 12.06 25.50 -25.53
C ARG A 513 11.03 26.51 -25.02
N LEU A 514 11.00 26.66 -23.68
CA LEU A 514 10.04 27.51 -22.93
C LEU A 514 8.60 27.32 -23.41
N ALA B 30 -42.09 5.75 6.80
CA ALA B 30 -41.55 6.87 6.02
C ALA B 30 -40.73 7.80 6.92
N GLU B 31 -41.37 8.35 7.96
CA GLU B 31 -40.64 9.15 8.94
C GLU B 31 -39.99 8.29 10.01
N LYS B 32 -40.25 6.98 10.04
CA LYS B 32 -39.59 6.04 10.94
C LYS B 32 -39.05 4.89 10.11
N PRO B 33 -37.91 5.09 9.44
CA PRO B 33 -37.38 4.03 8.58
C PRO B 33 -36.71 2.94 9.40
N ASN B 34 -36.65 1.75 8.80
CA ASN B 34 -35.87 0.69 9.40
C ASN B 34 -34.38 1.04 9.31
N ILE B 35 -33.62 0.54 10.28
CA ILE B 35 -32.18 0.71 10.33
C ILE B 35 -31.54 -0.66 10.48
N VAL B 36 -30.69 -1.04 9.53
CA VAL B 36 -29.91 -2.26 9.62
C VAL B 36 -28.43 -1.89 9.50
N LEU B 37 -27.67 -2.19 10.55
CA LEU B 37 -26.27 -1.79 10.67
C LEU B 37 -25.39 -3.04 10.54
N PHE B 38 -24.78 -3.21 9.37
CA PHE B 38 -23.79 -4.26 9.20
C PHE B 38 -22.47 -3.82 9.80
N TYR B 39 -21.95 -4.58 10.76
CA TYR B 39 -20.73 -4.22 11.49
C TYR B 39 -19.73 -5.36 11.36
N VAL B 40 -18.75 -5.17 10.50
CA VAL B 40 -17.77 -6.20 10.19
C VAL B 40 -16.62 -6.12 11.18
N ASP B 41 -16.00 -7.26 11.44
CA ASP B 41 -14.87 -7.38 12.36
C ASP B 41 -13.56 -7.28 11.59
N ASP B 42 -12.76 -6.24 11.87
CA ASP B 42 -11.42 -6.07 11.32
C ASP B 42 -11.41 -5.84 9.79
N LEU B 43 -12.49 -5.33 9.20
CA LEU B 43 -12.49 -5.13 7.75
C LEU B 43 -11.64 -3.92 7.40
N GLY B 44 -10.58 -4.11 6.58
CA GLY B 44 -9.73 -3.01 6.21
C GLY B 44 -10.31 -2.13 5.10
N TRP B 45 -9.84 -0.88 5.08
CA TRP B 45 -10.29 0.12 4.11
C TRP B 45 -10.27 -0.40 2.68
N GLY B 46 -9.31 -1.27 2.36
CA GLY B 46 -9.17 -1.76 1.00
C GLY B 46 -9.65 -3.19 0.81
N ASP B 47 -10.37 -3.76 1.76
CA ASP B 47 -10.78 -5.15 1.63
C ASP B 47 -12.02 -5.34 0.77
N LEU B 48 -12.68 -4.27 0.32
CA LEU B 48 -13.82 -4.40 -0.59
C LEU B 48 -13.41 -4.09 -2.01
N SER B 49 -14.05 -4.75 -2.98
CA SER B 49 -13.77 -4.44 -4.38
C SER B 49 -14.24 -3.03 -4.73
N SER B 50 -15.26 -2.52 -4.05
CA SER B 50 -15.65 -1.14 -4.32
C SER B 50 -14.71 -0.12 -3.69
N TYR B 51 -13.72 -0.56 -2.91
CA TYR B 51 -12.65 0.30 -2.42
C TYR B 51 -11.31 -0.06 -3.05
N GLY B 52 -11.33 -0.78 -4.18
CA GLY B 52 -10.14 -1.03 -4.96
C GLY B 52 -9.63 -2.45 -4.91
N ALA B 53 -10.21 -3.32 -4.10
CA ALA B 53 -9.71 -4.70 -4.06
C ALA B 53 -9.85 -5.36 -5.41
N THR B 54 -8.81 -6.07 -5.84
CA THR B 54 -8.85 -6.86 -7.07
C THR B 54 -8.69 -8.35 -6.84
N GLU B 55 -8.09 -8.77 -5.71
CA GLU B 55 -7.92 -10.18 -5.35
C GLU B 55 -9.16 -10.77 -4.68
N VAL B 56 -10.18 -9.98 -4.42
CA VAL B 56 -11.44 -10.48 -3.87
C VAL B 56 -12.57 -9.63 -4.44
N ASN B 57 -13.70 -10.28 -4.76
CA ASN B 57 -14.88 -9.60 -5.25
C ASN B 57 -15.95 -9.61 -4.17
N THR B 58 -16.57 -8.46 -3.94
CA THR B 58 -17.62 -8.34 -2.94
C THR B 58 -18.87 -7.75 -3.61
N PRO B 59 -19.51 -8.52 -4.49
CA PRO B 59 -20.57 -7.92 -5.33
C PRO B 59 -21.79 -7.40 -4.55
N ASN B 60 -22.22 -8.09 -3.50
CA ASN B 60 -23.41 -7.63 -2.79
C ASN B 60 -23.15 -6.30 -2.11
N ILE B 61 -22.00 -6.15 -1.46
CA ILE B 61 -21.69 -4.90 -0.78
C ILE B 61 -21.41 -3.79 -1.80
N ASP B 62 -20.74 -4.14 -2.90
CA ASP B 62 -20.50 -3.15 -3.95
C ASP B 62 -21.82 -2.60 -4.50
N ALA B 63 -22.86 -3.44 -4.58
CA ALA B 63 -24.16 -2.95 -5.04
C ALA B 63 -24.74 -1.94 -4.06
N LEU B 64 -24.55 -2.16 -2.76
CA LEU B 64 -24.97 -1.16 -1.78
C LEU B 64 -24.24 0.16 -2.00
N ALA B 65 -22.92 0.10 -2.27
CA ALA B 65 -22.17 1.33 -2.50
C ALA B 65 -22.59 2.01 -3.79
N LYS B 66 -22.79 1.23 -4.85
CA LYS B 66 -23.14 1.78 -6.15
C LYS B 66 -24.45 2.56 -6.09
N ASN B 67 -25.38 2.12 -5.25
CA ASN B 67 -26.69 2.74 -5.09
C ASN B 67 -26.80 3.51 -3.78
N GLY B 68 -25.67 3.85 -3.17
CA GLY B 68 -25.66 4.66 -1.98
C GLY B 68 -24.41 5.51 -1.93
N ILE B 69 -23.99 5.94 -0.73
CA ILE B 69 -22.77 6.73 -0.56
C ILE B 69 -21.68 5.85 0.03
N ARG B 70 -20.52 5.85 -0.65
CA ARG B 70 -19.28 5.26 -0.14
CA ARG B 70 -19.32 5.27 -0.07
C ARG B 70 -18.41 6.40 0.38
N PHE B 71 -17.96 6.30 1.64
CA PHE B 71 -17.13 7.30 2.30
C PHE B 71 -15.66 6.87 2.30
N THR B 72 -14.76 7.79 1.96
CA THR B 72 -13.33 7.51 1.89
C THR B 72 -12.56 7.96 3.14
N ASP B 73 -13.18 8.75 4.01
CA ASP B 73 -12.52 9.25 5.21
C ASP B 73 -13.39 9.03 6.44
N ALA B 74 -13.96 7.83 6.55
CA ALA B 74 -14.82 7.51 7.67
C ALA B 74 -14.04 6.70 8.69
N HIS B 75 -14.42 6.83 9.97
CA HIS B 75 -13.56 6.34 11.02
C HIS B 75 -14.37 5.66 12.12
N SER B 76 -13.95 4.46 12.49
CA SER B 76 -14.28 3.92 13.79
C SER B 76 -13.64 4.79 14.88
N SER B 77 -14.18 4.72 16.09
CA SER B 77 -13.60 5.50 17.19
C SER B 77 -12.25 4.94 17.61
N ALA B 78 -12.07 3.62 17.55
CA ALA B 78 -10.85 3.01 18.06
C ALA B 78 -10.31 2.00 17.06
N ALA B 79 -9.10 1.52 17.34
CA ALA B 79 -8.44 0.56 16.47
C ALA B 79 -8.59 -0.87 16.99
N THR B 80 -9.49 -1.11 17.93
CA THR B 80 -9.77 -2.43 18.45
C THR B 80 -11.25 -2.53 18.74
N SER B 81 -11.74 -3.76 18.83
CA SER B 81 -13.17 -4.06 18.88
C SER B 81 -13.96 -3.33 19.96
N SER B 82 -13.75 -3.71 21.21
CA SER B 82 -14.67 -3.30 22.27
C SER B 82 -14.75 -1.78 22.42
N PRO B 83 -13.65 -1.02 22.38
CA PRO B 83 -13.78 0.45 22.43
C PRO B 83 -14.60 1.03 21.29
N SER B 84 -14.51 0.44 20.09
CA SER B 84 -15.24 1.02 18.97
C SER B 84 -16.70 0.62 18.98
N ARG B 85 -17.02 -0.55 19.53
CA ARG B 85 -18.40 -0.94 19.71
C ARG B 85 -19.05 -0.13 20.81
N TYR B 86 -18.31 0.11 21.90
CA TYR B 86 -18.80 0.98 22.96
C TYR B 86 -19.17 2.34 22.42
N SER B 87 -18.30 2.91 21.58
CA SER B 87 -18.55 4.26 21.08
C SER B 87 -19.69 4.27 20.07
N LEU B 88 -19.83 3.19 19.30
CA LEU B 88 -20.96 3.06 18.38
C LEU B 88 -22.28 3.10 19.15
N LEU B 89 -22.34 2.45 20.30
CA LEU B 89 -23.62 2.32 20.98
C LEU B 89 -23.91 3.47 21.94
N THR B 90 -22.88 4.09 22.53
CA THR B 90 -23.09 5.16 23.49
C THR B 90 -22.87 6.56 22.91
N GLY B 91 -22.35 6.66 21.68
CA GLY B 91 -22.08 7.96 21.09
C GLY B 91 -21.04 8.76 21.84
N GLU B 92 -20.11 8.07 22.49
CA GLU B 92 -19.15 8.67 23.40
C GLU B 92 -17.81 7.98 23.20
N HIS B 93 -16.72 8.76 23.20
CA HIS B 93 -15.38 8.19 23.04
C HIS B 93 -15.11 7.15 24.12
N ALA B 94 -14.40 6.09 23.74
CA ALA B 94 -14.18 4.96 24.65
C ALA B 94 -13.21 5.29 25.78
N PHE B 95 -12.31 6.26 25.60
CA PHE B 95 -11.35 6.57 26.65
C PHE B 95 -12.03 7.13 27.89
N ARG B 96 -13.24 7.67 27.76
CA ARG B 96 -13.97 8.19 28.92
C ARG B 96 -14.31 7.09 29.93
N LYS B 97 -14.27 5.81 29.54
CA LYS B 97 -14.43 4.71 30.47
C LYS B 97 -13.23 3.77 30.47
N ASN B 98 -12.11 4.19 29.87
CA ASN B 98 -10.93 3.35 29.63
C ASN B 98 -11.31 1.93 29.17
N ILE B 99 -12.11 1.87 28.10
CA ILE B 99 -12.47 0.60 27.48
C ILE B 99 -11.29 0.08 26.68
N ARG B 100 -10.96 -1.19 26.88
CA ARG B 100 -9.94 -1.89 26.11
C ARG B 100 -10.52 -3.21 25.60
N ILE B 101 -9.70 -3.98 24.88
CA ILE B 101 -10.09 -5.30 24.43
C ILE B 101 -10.50 -6.14 25.63
N LEU B 102 -11.76 -6.59 25.64
CA LEU B 102 -12.29 -7.32 26.79
C LEU B 102 -12.03 -8.81 26.66
N LYS B 103 -11.64 -9.45 27.75
CA LYS B 103 -11.52 -10.90 27.63
C LYS B 103 -12.91 -11.52 27.82
N GLY B 104 -12.98 -12.85 27.69
CA GLY B 104 -14.27 -13.51 27.54
C GLY B 104 -15.23 -13.38 28.71
N ASP B 105 -14.72 -13.12 29.92
CA ASP B 105 -15.54 -13.08 31.13
C ASP B 105 -15.63 -11.69 31.72
N ALA B 106 -15.32 -10.66 30.95
CA ALA B 106 -15.45 -9.29 31.41
C ALA B 106 -16.90 -8.93 31.65
N PRO B 107 -17.19 -8.08 32.64
CA PRO B 107 -18.56 -7.60 32.85
C PRO B 107 -18.97 -6.53 31.86
N LEU B 108 -20.28 -6.30 31.80
CA LEU B 108 -20.85 -5.33 30.89
C LEU B 108 -20.25 -3.94 31.12
N VAL B 109 -19.74 -3.31 30.06
CA VAL B 109 -19.11 -1.99 30.20
C VAL B 109 -20.10 -0.85 30.00
N ILE B 110 -21.28 -1.13 29.50
CA ILE B 110 -22.33 -0.12 29.37
C ILE B 110 -23.28 -0.30 30.54
N SER B 111 -23.43 0.76 31.35
CA SER B 111 -24.28 0.68 32.55
C SER B 111 -25.75 0.61 32.15
N GLU B 112 -26.56 -0.01 33.02
CA GLU B 112 -27.97 -0.22 32.73
C GLU B 112 -28.79 1.06 32.68
N VAL B 113 -28.24 2.20 33.09
CA VAL B 113 -28.94 3.47 32.98
C VAL B 113 -28.24 4.44 32.04
N GLN B 114 -27.17 3.98 31.37
CA GLN B 114 -26.47 4.81 30.39
C GLN B 114 -27.35 4.96 29.16
N LYS B 115 -27.39 6.16 28.61
CA LYS B 115 -28.12 6.39 27.37
C LYS B 115 -27.41 5.64 26.23
N THR B 116 -28.20 4.94 25.40
CA THR B 116 -27.65 4.17 24.30
C THR B 116 -28.51 4.41 23.06
N LEU B 117 -27.90 4.16 21.90
CA LEU B 117 -28.61 4.31 20.63
C LEU B 117 -29.78 3.35 20.51
N PRO B 118 -29.67 2.05 20.85
CA PRO B 118 -30.88 1.20 20.83
C PRO B 118 -31.93 1.62 21.84
N LYS B 119 -31.53 2.05 23.05
CA LYS B 119 -32.52 2.58 23.99
C LYS B 119 -33.21 3.83 23.43
N MET B 120 -32.43 4.73 22.83
CA MET B 120 -33.03 5.90 22.18
C MET B 120 -34.06 5.48 21.15
N LEU B 121 -33.75 4.45 20.35
CA LEU B 121 -34.66 4.00 19.30
C LEU B 121 -35.91 3.34 19.87
N GLN B 122 -35.80 2.70 21.03
CA GLN B 122 -36.95 2.04 21.64
C GLN B 122 -38.04 3.04 22.00
N THR B 123 -37.66 4.23 22.50
CA THR B 123 -38.62 5.27 22.86
C THR B 123 -39.36 5.86 21.66
N VAL B 124 -38.95 5.56 20.43
CA VAL B 124 -39.60 6.07 19.22
C VAL B 124 -40.39 4.97 18.50
N GLY B 125 -40.48 3.79 19.08
CA GLY B 125 -41.30 2.73 18.54
C GLY B 125 -40.54 1.67 17.78
N TYR B 126 -39.23 1.59 17.97
CA TYR B 126 -38.42 0.60 17.27
C TYR B 126 -38.33 -0.68 18.06
N ARG B 127 -38.40 -1.82 17.36
CA ARG B 127 -37.95 -3.07 17.91
C ARG B 127 -36.46 -3.23 17.59
N THR B 128 -35.65 -3.45 18.61
CA THR B 128 -34.21 -3.48 18.45
C THR B 128 -33.67 -4.89 18.68
N GLY B 129 -32.81 -5.35 17.76
CA GLY B 129 -32.14 -6.63 17.91
C GLY B 129 -30.68 -6.53 17.53
N ILE B 130 -29.90 -7.47 18.06
CA ILE B 130 -28.52 -7.67 17.65
C ILE B 130 -28.30 -9.15 17.39
N VAL B 131 -27.64 -9.47 16.28
CA VAL B 131 -27.24 -10.84 15.98
C VAL B 131 -25.74 -10.81 15.70
N GLY B 132 -24.98 -11.59 16.46
CA GLY B 132 -23.57 -11.82 16.20
C GLY B 132 -22.68 -11.43 17.37
N LYS B 133 -21.52 -10.85 17.05
CA LYS B 133 -20.48 -10.59 18.02
C LYS B 133 -20.89 -9.47 18.99
N TRP B 134 -20.64 -9.69 20.29
CA TRP B 134 -20.97 -8.70 21.32
C TRP B 134 -19.71 -7.97 21.78
N HIS B 135 -18.87 -8.65 22.57
CA HIS B 135 -17.58 -8.14 23.00
C HIS B 135 -17.69 -6.87 23.84
N LEU B 136 -18.81 -6.71 24.57
CA LEU B 136 -19.00 -5.57 25.45
C LEU B 136 -19.09 -5.98 26.93
N GLY B 137 -18.81 -7.23 27.27
CA GLY B 137 -18.92 -7.73 28.63
C GLY B 137 -20.33 -8.20 28.97
N LEU B 138 -20.42 -9.09 30.00
CA LEU B 138 -21.76 -9.59 30.33
C LEU B 138 -22.12 -9.57 31.82
N GLY B 139 -21.21 -9.91 32.72
CA GLY B 139 -21.58 -9.90 34.12
C GLY B 139 -21.96 -8.51 34.69
N ASP B 140 -22.35 -8.51 35.97
CA ASP B 140 -22.41 -7.25 36.71
C ASP B 140 -21.07 -6.94 37.36
N GLY B 141 -20.18 -7.92 37.40
CA GLY B 141 -18.86 -7.76 37.96
C GLY B 141 -18.72 -8.15 39.41
N ASN B 142 -19.83 -8.25 40.15
CA ASN B 142 -19.74 -8.65 41.55
C ASN B 142 -19.15 -10.05 41.68
N THR B 143 -19.57 -10.97 40.82
CA THR B 143 -19.12 -12.36 40.81
C THR B 143 -18.94 -12.78 39.35
N PRO B 144 -18.11 -13.79 39.09
CA PRO B 144 -17.95 -14.28 37.72
C PRO B 144 -19.29 -14.69 37.13
N VAL B 145 -19.43 -14.51 35.81
CA VAL B 145 -20.66 -14.95 35.14
C VAL B 145 -20.79 -16.45 35.30
N ASN B 146 -21.97 -16.88 35.72
CA ASN B 146 -22.31 -18.30 35.76
C ASN B 146 -23.06 -18.59 34.47
N TRP B 147 -22.36 -19.25 33.53
CA TRP B 147 -22.94 -19.50 32.22
C TRP B 147 -24.12 -20.47 32.28
N ASN B 148 -24.30 -21.18 33.40
CA ASN B 148 -25.37 -22.15 33.57
C ASN B 148 -26.62 -21.54 34.16
N GLU B 149 -26.55 -20.28 34.59
CA GLU B 149 -27.69 -19.50 35.04
C GLU B 149 -28.01 -18.48 33.95
N LYS B 150 -29.06 -17.70 34.18
CA LYS B 150 -29.37 -16.61 33.27
C LYS B 150 -28.23 -15.59 33.29
N VAL B 151 -27.84 -15.12 32.10
CA VAL B 151 -26.76 -14.17 31.95
C VAL B 151 -27.36 -12.77 31.82
N LYS B 152 -27.12 -11.93 32.82
CA LYS B 152 -27.64 -10.57 32.87
C LYS B 152 -26.75 -9.77 33.81
N PRO B 153 -26.57 -8.45 33.56
CA PRO B 153 -27.13 -7.68 32.45
C PRO B 153 -26.41 -7.93 31.12
N GLY B 154 -27.12 -7.76 30.01
CA GLY B 154 -26.51 -7.87 28.70
C GLY B 154 -27.22 -6.99 27.70
N PRO B 155 -27.25 -7.40 26.43
CA PRO B 155 -27.94 -6.57 25.41
C PRO B 155 -29.34 -6.15 25.81
N LEU B 156 -30.08 -7.03 26.50
CA LEU B 156 -31.47 -6.75 26.86
C LEU B 156 -31.57 -5.68 27.94
N GLU B 157 -30.49 -5.40 28.66
CA GLU B 157 -30.47 -4.38 29.68
C GLU B 157 -29.86 -3.05 29.20
N VAL B 158 -29.43 -2.96 27.94
CA VAL B 158 -28.88 -1.71 27.43
C VAL B 158 -29.57 -1.34 26.12
N GLY B 159 -30.82 -1.80 25.96
CA GLY B 159 -31.67 -1.28 24.91
C GLY B 159 -32.05 -2.23 23.79
N PHE B 160 -31.69 -3.51 23.87
CA PHE B 160 -32.06 -4.48 22.86
C PHE B 160 -33.25 -5.30 23.34
N ASP B 161 -34.23 -5.51 22.44
CA ASP B 161 -35.32 -6.44 22.71
C ASP B 161 -34.95 -7.90 22.47
N TYR B 162 -34.11 -8.18 21.48
CA TYR B 162 -33.70 -9.54 21.14
C TYR B 162 -32.20 -9.56 20.86
N SER B 163 -31.53 -10.62 21.29
CA SER B 163 -30.10 -10.74 21.03
C SER B 163 -29.75 -12.21 20.83
N PHE B 164 -28.92 -12.48 19.83
CA PHE B 164 -28.36 -13.80 19.57
C PHE B 164 -26.88 -13.57 19.32
N LEU B 165 -26.05 -13.96 20.29
CA LEU B 165 -24.70 -13.41 20.43
C LEU B 165 -23.63 -14.47 20.31
N ILE B 166 -22.52 -14.10 19.68
CA ILE B 166 -21.18 -14.59 20.02
C ILE B 166 -20.76 -13.75 21.22
N PRO B 167 -20.60 -14.34 22.41
CA PRO B 167 -20.52 -13.55 23.65
C PRO B 167 -19.30 -12.64 23.74
N ALA B 168 -18.11 -13.17 23.43
CA ALA B 168 -16.87 -12.42 23.51
C ALA B 168 -16.35 -12.22 22.10
N THR B 169 -15.42 -13.03 21.62
CA THR B 169 -14.96 -13.03 20.24
C THR B 169 -14.90 -14.48 19.76
N GLY B 170 -14.77 -14.64 18.45
CA GLY B 170 -14.68 -15.98 17.90
C GLY B 170 -13.52 -16.78 18.43
N ASP B 171 -12.43 -16.12 18.84
CA ASP B 171 -11.26 -16.84 19.31
C ASP B 171 -11.17 -16.94 20.83
N ARG B 172 -12.20 -16.49 21.57
CA ARG B 172 -12.20 -16.56 23.03
C ARG B 172 -13.32 -17.47 23.53
N VAL B 173 -12.98 -18.41 24.43
CA VAL B 173 -14.01 -19.19 25.12
C VAL B 173 -14.92 -18.26 25.91
N PRO B 174 -16.19 -18.63 26.16
CA PRO B 174 -16.87 -19.85 25.70
C PRO B 174 -17.32 -19.83 24.24
N SER B 175 -17.10 -20.93 23.51
CA SER B 175 -17.51 -21.05 22.12
C SER B 175 -18.97 -21.53 22.04
N VAL B 176 -19.86 -20.66 22.53
CA VAL B 176 -21.28 -20.94 22.58
C VAL B 176 -22.02 -19.69 22.15
N PHE B 177 -23.31 -19.85 21.84
CA PHE B 177 -24.19 -18.75 21.53
C PHE B 177 -24.99 -18.36 22.77
N LEU B 178 -25.27 -17.06 22.89
CA LEU B 178 -26.10 -16.56 23.98
C LEU B 178 -27.30 -15.87 23.35
N GLU B 179 -28.48 -16.48 23.52
CA GLU B 179 -29.74 -15.92 23.04
C GLU B 179 -30.48 -15.31 24.23
N ASN B 180 -30.71 -13.99 24.16
CA ASN B 180 -31.29 -13.24 25.26
C ASN B 180 -30.51 -13.52 26.54
N HIS B 181 -31.08 -14.25 27.50
CA HIS B 181 -30.41 -14.49 28.78
C HIS B 181 -29.83 -15.89 28.92
N ASP B 182 -29.95 -16.74 27.89
CA ASP B 182 -29.63 -18.15 28.02
C ASP B 182 -28.60 -18.61 26.98
N VAL B 183 -27.66 -19.44 27.44
CA VAL B 183 -26.77 -20.15 26.52
C VAL B 183 -27.59 -21.14 25.72
N VAL B 184 -27.41 -21.15 24.40
CA VAL B 184 -28.27 -21.94 23.53
C VAL B 184 -27.89 -23.40 23.61
N ASN B 185 -28.88 -24.27 23.81
CA ASN B 185 -28.69 -25.73 23.79
C ASN B 185 -27.80 -26.21 24.93
N LEU B 186 -27.81 -25.50 26.05
CA LEU B 186 -27.07 -25.92 27.23
C LEU B 186 -27.83 -27.00 27.97
N GLU B 187 -27.11 -27.99 28.49
CA GLU B 187 -27.70 -29.08 29.28
C GLU B 187 -27.24 -28.99 30.74
N LYS B 188 -28.21 -29.01 31.67
CA LYS B 188 -27.91 -29.03 33.10
C LYS B 188 -26.98 -30.19 33.48
N SER B 189 -27.13 -31.34 32.82
CA SER B 189 -26.29 -32.51 33.04
C SER B 189 -24.82 -32.30 32.65
N ASP B 190 -24.50 -31.28 31.85
CA ASP B 190 -23.13 -31.05 31.39
C ASP B 190 -22.84 -29.56 31.49
N PRO B 191 -22.76 -29.03 32.71
CA PRO B 191 -22.65 -27.58 32.90
C PRO B 191 -21.35 -27.03 32.33
N LEU B 192 -21.40 -25.73 32.04
CA LEU B 192 -20.37 -25.04 31.29
C LEU B 192 -19.58 -24.10 32.20
N PHE B 193 -18.26 -24.19 32.15
CA PHE B 193 -17.37 -23.33 32.91
C PHE B 193 -16.23 -22.91 31.99
N VAL B 194 -15.70 -21.71 32.23
CA VAL B 194 -14.51 -21.25 31.54
C VAL B 194 -13.48 -20.78 32.56
N ASN B 195 -12.20 -20.89 32.19
CA ASN B 195 -11.06 -20.41 32.96
C ASN B 195 -10.01 -19.88 32.00
N TYR B 196 -9.58 -18.63 32.20
CA TYR B 196 -8.59 -17.99 31.34
C TYR B 196 -7.19 -18.03 31.95
N GLN B 197 -7.01 -18.64 33.12
CA GLN B 197 -5.71 -18.71 33.78
C GLN B 197 -5.12 -20.12 33.88
N LYS B 198 -5.96 -21.16 33.92
CA LYS B 198 -5.48 -22.52 34.10
C LYS B 198 -6.44 -23.48 33.43
N LYS B 199 -5.93 -24.67 33.10
CA LYS B 199 -6.75 -25.67 32.43
C LYS B 199 -7.80 -26.24 33.37
N ILE B 200 -9.05 -26.30 32.90
CA ILE B 200 -10.13 -27.00 33.56
C ILE B 200 -10.78 -27.90 32.52
N GLY B 201 -11.55 -28.88 33.00
CA GLY B 201 -12.22 -29.78 32.11
C GLY B 201 -11.25 -30.77 31.50
N GLN B 202 -11.76 -31.52 30.52
CA GLN B 202 -11.00 -32.58 29.87
C GLN B 202 -10.87 -32.37 28.38
N ARG B 203 -11.21 -31.19 27.87
CA ARG B 203 -11.08 -30.96 26.44
C ARG B 203 -9.60 -30.99 26.03
N PRO B 204 -9.28 -31.52 24.85
CA PRO B 204 -7.91 -31.40 24.34
C PRO B 204 -7.52 -29.94 24.16
N THR B 205 -6.21 -29.70 24.08
CA THR B 205 -5.69 -28.35 23.96
C THR B 205 -4.68 -28.25 22.83
N GLY B 206 -4.47 -27.02 22.38
CA GLY B 206 -3.51 -26.80 21.30
C GLY B 206 -2.09 -27.17 21.70
N TYR B 207 -1.71 -26.91 22.95
CA TYR B 207 -0.35 -27.23 23.36
C TYR B 207 -0.19 -28.72 23.59
N GLU B 208 -1.25 -29.42 23.98
CA GLU B 208 -1.12 -30.85 24.22
C GLU B 208 -1.39 -31.68 22.99
N ASN B 209 -2.24 -31.23 22.08
CA ASN B 209 -2.73 -32.05 20.98
C ASN B 209 -2.64 -31.32 19.65
N PRO B 210 -1.43 -30.96 19.22
CA PRO B 210 -1.30 -30.27 17.93
C PRO B 210 -1.82 -31.08 16.77
N GLU B 211 -1.84 -32.40 16.88
CA GLU B 211 -2.30 -33.20 15.76
C GLU B 211 -3.81 -33.08 15.53
N LEU B 212 -4.53 -32.38 16.40
CA LEU B 212 -5.97 -32.22 16.26
C LEU B 212 -6.37 -30.86 15.67
N LEU B 213 -5.39 -30.01 15.35
CA LEU B 213 -5.67 -28.62 15.00
C LEU B 213 -5.89 -28.44 13.51
N LYS B 214 -6.97 -27.73 13.15
CA LYS B 214 -7.17 -27.32 11.77
C LYS B 214 -6.18 -26.23 11.35
N GLN B 215 -5.73 -25.40 12.29
CA GLN B 215 -4.71 -24.37 12.06
C GLN B 215 -3.79 -24.27 13.27
N GLY B 216 -2.51 -24.00 13.02
CA GLY B 216 -1.58 -23.73 14.10
C GLY B 216 -1.96 -22.46 14.85
N ALA B 217 -1.51 -22.38 16.11
CA ALA B 217 -1.92 -21.30 17.00
C ALA B 217 -0.72 -20.83 17.79
N ASP B 218 -0.70 -19.53 18.11
CA ASP B 218 0.35 -18.99 18.97
C ASP B 218 0.00 -19.28 20.42
N GLU B 219 0.89 -18.88 21.33
CA GLU B 219 0.74 -19.28 22.73
C GLU B 219 -0.55 -18.74 23.33
N GLN B 220 -0.91 -17.50 23.01
CA GLN B 220 -2.16 -16.97 23.57
C GLN B 220 -3.37 -17.76 23.07
N HIS B 221 -3.28 -18.37 21.90
CA HIS B 221 -4.44 -18.95 21.23
C HIS B 221 -4.47 -20.47 21.31
N ASN B 222 -3.60 -21.11 22.09
CA ASN B 222 -3.37 -22.55 21.94
C ASN B 222 -4.01 -23.39 23.06
N LYS B 223 -5.13 -22.94 23.62
CA LYS B 223 -5.75 -23.64 24.72
C LYS B 223 -6.81 -24.63 24.25
N SER B 224 -8.00 -24.56 24.83
CA SER B 224 -9.05 -25.53 24.56
C SER B 224 -9.32 -25.63 23.06
N ILE B 225 -9.42 -26.86 22.58
CA ILE B 225 -9.77 -27.13 21.19
C ILE B 225 -11.28 -27.31 21.11
N ILE B 226 -11.95 -26.44 20.36
CA ILE B 226 -13.36 -26.60 20.00
C ILE B 226 -13.42 -26.67 18.48
N ASN B 227 -14.00 -27.76 17.95
CA ASN B 227 -14.24 -27.87 16.50
C ASN B 227 -12.92 -27.80 15.74
N GLY B 228 -11.87 -28.39 16.32
CA GLY B 228 -10.58 -28.49 15.66
C GLY B 228 -9.69 -27.26 15.73
N VAL B 229 -10.06 -26.23 16.50
CA VAL B 229 -9.27 -25.00 16.58
C VAL B 229 -9.14 -24.59 18.05
N SER B 230 -7.90 -24.36 18.49
CA SER B 230 -7.70 -23.93 19.86
C SER B 230 -8.07 -22.47 20.02
N ARG B 231 -8.46 -22.11 21.23
CA ARG B 231 -8.97 -20.79 21.52
C ARG B 231 -8.14 -20.17 22.64
N ILE B 232 -8.47 -18.92 22.95
CA ILE B 232 -7.99 -18.22 24.13
C ILE B 232 -8.85 -18.66 25.31
N GLY B 233 -8.23 -19.25 26.32
CA GLY B 233 -8.96 -19.70 27.49
C GLY B 233 -9.32 -21.18 27.41
N TRP B 234 -9.72 -21.72 28.56
CA TRP B 234 -10.09 -23.12 28.70
C TRP B 234 -11.60 -23.24 28.93
N MET B 235 -12.20 -24.26 28.34
CA MET B 235 -13.65 -24.46 28.41
C MET B 235 -13.94 -25.85 28.91
N GLN B 236 -14.80 -25.94 29.92
CA GLN B 236 -15.19 -27.21 30.53
C GLN B 236 -16.68 -27.46 30.33
N GLY B 237 -17.03 -28.67 29.89
CA GLY B 237 -18.43 -29.00 29.76
C GLY B 237 -19.09 -28.26 28.61
N GLY B 238 -20.42 -28.22 28.67
CA GLY B 238 -21.19 -27.49 27.67
C GLY B 238 -21.10 -28.04 26.26
N GLU B 239 -20.91 -29.35 26.11
CA GLU B 239 -20.58 -29.91 24.80
C GLU B 239 -21.69 -29.67 23.79
N SER B 240 -22.95 -29.85 24.19
CA SER B 240 -24.08 -29.67 23.29
C SER B 240 -24.30 -28.21 22.91
N ALA B 241 -23.69 -27.26 23.61
CA ALA B 241 -23.85 -25.86 23.28
C ALA B 241 -22.72 -25.32 22.41
N GLU B 242 -21.71 -26.15 22.10
CA GLU B 242 -20.61 -25.73 21.24
C GLU B 242 -21.17 -25.26 19.89
N TRP B 243 -20.63 -24.14 19.38
CA TRP B 243 -20.99 -23.67 18.05
C TRP B 243 -20.19 -24.41 16.97
N HIS B 244 -20.51 -24.13 15.71
CA HIS B 244 -19.74 -24.69 14.58
C HIS B 244 -19.32 -23.52 13.67
N ASP B 245 -18.04 -23.15 13.75
CA ASP B 245 -17.55 -21.95 13.09
C ASP B 245 -17.94 -21.94 11.62
N GLU B 246 -17.73 -23.05 10.91
CA GLU B 246 -17.98 -23.03 9.47
C GLU B 246 -19.45 -22.84 9.10
N THR B 247 -20.39 -22.87 10.06
CA THR B 247 -21.79 -22.56 9.75
C THR B 247 -22.27 -21.26 10.40
N PHE B 248 -21.36 -20.40 10.89
CA PHE B 248 -21.75 -19.07 11.38
C PHE B 248 -22.58 -18.34 10.33
N ASN B 249 -22.20 -18.45 9.06
CA ASN B 249 -22.89 -17.73 8.00
C ASN B 249 -24.38 -18.14 7.91
N ILE B 250 -24.66 -19.43 8.11
CA ILE B 250 -26.06 -19.91 8.13
C ILE B 250 -26.76 -19.47 9.41
N VAL B 251 -26.13 -19.73 10.55
CA VAL B 251 -26.77 -19.47 11.83
C VAL B 251 -27.12 -17.99 11.96
N THR B 252 -26.14 -17.11 11.71
CA THR B 252 -26.40 -15.69 11.92
C THR B 252 -27.37 -15.13 10.88
N SER B 253 -27.21 -15.50 9.61
CA SER B 253 -28.12 -14.96 8.61
C SER B 253 -29.55 -15.48 8.81
N ASP B 254 -29.68 -16.76 9.21
CA ASP B 254 -31.00 -17.27 9.57
C ASP B 254 -31.62 -16.47 10.72
N LYS B 255 -30.85 -16.23 11.79
CA LYS B 255 -31.41 -15.49 12.93
C LYS B 255 -31.78 -14.07 12.52
N ALA B 256 -30.96 -13.44 11.68
CA ALA B 256 -31.27 -12.09 11.22
C ALA B 256 -32.50 -12.08 10.29
N LYS B 257 -32.63 -13.09 9.43
CA LYS B 257 -33.80 -13.18 8.56
C LYS B 257 -35.08 -13.37 9.37
N GLN B 258 -35.03 -14.21 10.42
CA GLN B 258 -36.20 -14.38 11.27
C GLN B 258 -36.57 -13.09 12.00
N PHE B 259 -35.57 -12.39 12.55
CA PHE B 259 -35.85 -11.16 13.29
C PHE B 259 -36.50 -10.12 12.40
N ILE B 260 -35.94 -9.93 11.20
CA ILE B 260 -36.54 -9.01 10.24
C ILE B 260 -37.95 -9.47 9.88
N SER B 261 -38.10 -10.77 9.62
CA SER B 261 -39.40 -11.29 9.20
C SER B 261 -40.46 -11.05 10.27
N GLU B 262 -40.11 -11.23 11.54
CA GLU B 262 -41.08 -11.07 12.62
C GLU B 262 -41.40 -9.62 12.91
N SER B 263 -40.41 -8.73 12.78
CA SER B 263 -40.56 -7.33 13.13
C SER B 263 -40.98 -6.51 11.92
N SER B 264 -41.30 -7.19 10.82
CA SER B 264 -41.47 -6.54 9.52
C SER B 264 -42.65 -5.55 9.50
N LYS B 265 -43.66 -5.74 10.34
CA LYS B 265 -44.81 -4.85 10.39
C LYS B 265 -44.57 -3.61 11.26
N GLN B 266 -43.32 -3.35 11.63
CA GLN B 266 -42.99 -2.34 12.64
C GLN B 266 -41.59 -1.83 12.38
N PRO B 267 -41.29 -0.59 12.75
CA PRO B 267 -39.90 -0.10 12.59
C PRO B 267 -38.95 -0.88 13.47
N PHE B 268 -37.82 -1.29 12.89
CA PHE B 268 -36.84 -2.08 13.63
C PHE B 268 -35.41 -1.60 13.33
N PHE B 269 -34.56 -1.85 14.30
CA PHE B 269 -33.13 -1.62 14.21
C PHE B 269 -32.44 -2.97 14.39
N LEU B 270 -31.72 -3.41 13.37
CA LEU B 270 -30.95 -4.65 13.43
C LEU B 270 -29.48 -4.28 13.34
N LEU B 271 -28.75 -4.57 14.42
CA LEU B 271 -27.30 -4.51 14.43
C LEU B 271 -26.78 -5.92 14.13
N PHE B 272 -26.22 -6.09 12.94
CA PHE B 272 -25.71 -7.39 12.49
C PHE B 272 -24.19 -7.37 12.60
N SER B 273 -23.69 -8.04 13.62
CA SER B 273 -22.32 -7.89 14.10
C SER B 273 -21.52 -9.15 13.73
N PHE B 274 -20.78 -9.06 12.64
CA PHE B 274 -20.10 -10.21 12.06
C PHE B 274 -19.03 -10.75 13.01
N HIS B 275 -18.76 -12.05 12.91
CA HIS B 275 -17.47 -12.52 13.36
C HIS B 275 -16.41 -12.31 12.28
N ASP B 276 -16.76 -12.54 11.02
CA ASP B 276 -15.90 -12.21 9.89
C ASP B 276 -15.43 -10.77 10.00
N ILE B 277 -14.16 -10.50 9.69
CA ILE B 277 -13.18 -11.47 9.20
C ILE B 277 -12.12 -11.72 10.29
N HIS B 278 -12.59 -11.78 11.53
CA HIS B 278 -11.76 -12.00 12.69
C HIS B 278 -11.25 -13.45 12.72
N VAL B 279 -10.13 -13.68 13.41
CA VAL B 279 -9.59 -15.03 13.58
C VAL B 279 -10.38 -15.76 14.65
N PRO B 280 -10.49 -17.08 14.59
CA PRO B 280 -9.98 -17.93 13.49
C PRO B 280 -10.88 -17.75 12.25
N ARG B 281 -10.28 -17.62 11.06
CA ARG B 281 -11.05 -17.55 9.82
C ARG B 281 -11.36 -18.97 9.39
N LEU B 282 -12.61 -19.38 9.55
CA LEU B 282 -13.07 -20.73 9.23
C LEU B 282 -14.34 -20.63 8.41
N PRO B 283 -14.22 -20.21 7.16
CA PRO B 283 -15.42 -20.01 6.35
C PRO B 283 -16.05 -21.32 5.91
N ASN B 284 -17.36 -21.26 5.71
CA ASN B 284 -18.11 -22.35 5.12
C ASN B 284 -17.41 -22.90 3.88
N GLU B 285 -17.55 -24.21 3.67
CA GLU B 285 -16.85 -24.89 2.59
C GLU B 285 -17.14 -24.28 1.22
N MET B 286 -18.33 -23.71 1.05
CA MET B 286 -18.67 -23.18 -0.26
C MET B 286 -17.83 -21.98 -0.68
N PHE B 287 -17.14 -21.32 0.26
CA PHE B 287 -16.28 -20.18 -0.07
C PHE B 287 -14.80 -20.53 -0.11
N ARG B 288 -14.42 -21.74 0.29
CA ARG B 288 -13.02 -22.11 0.35
C ARG B 288 -12.46 -22.25 -1.06
N GLY B 289 -11.34 -21.60 -1.30
CA GLY B 289 -10.74 -21.54 -2.61
C GLY B 289 -11.31 -20.49 -3.54
N LYS B 290 -12.27 -19.70 -3.09
CA LYS B 290 -12.79 -18.65 -3.96
C LYS B 290 -11.79 -17.52 -4.21
N THR B 291 -10.82 -17.32 -3.31
CA THR B 291 -9.73 -16.39 -3.57
C THR B 291 -8.42 -17.15 -3.54
N ASN B 292 -7.36 -16.48 -3.98
CA ASN B 292 -6.01 -17.00 -3.84
C ASN B 292 -5.33 -16.47 -2.58
N MET B 293 -6.09 -16.00 -1.59
CA MET B 293 -5.53 -15.42 -0.38
C MET B 293 -5.68 -16.29 0.86
N GLY B 294 -6.14 -17.53 0.71
CA GLY B 294 -6.34 -18.38 1.87
C GLY B 294 -7.61 -18.04 2.63
N ALA B 295 -7.64 -18.51 3.88
CA ALA B 295 -8.83 -18.40 4.72
C ALA B 295 -9.27 -16.96 4.93
N ARG B 296 -8.34 -16.02 5.01
CA ARG B 296 -8.75 -14.63 5.25
C ARG B 296 -9.52 -14.07 4.04
N GLY B 297 -8.99 -14.27 2.84
CA GLY B 297 -9.72 -13.84 1.66
C GLY B 297 -11.06 -14.53 1.49
N ASP B 298 -11.10 -15.83 1.80
CA ASP B 298 -12.35 -16.55 1.65
C ASP B 298 -13.37 -16.09 2.68
N SER B 299 -12.91 -15.55 3.83
CA SER B 299 -13.83 -14.99 4.80
C SER B 299 -14.44 -13.68 4.33
N ILE B 300 -13.70 -12.90 3.54
CA ILE B 300 -14.29 -11.69 2.95
C ILE B 300 -15.40 -12.08 1.98
N VAL B 301 -15.18 -13.13 1.19
CA VAL B 301 -16.22 -13.60 0.29
C VAL B 301 -17.44 -14.04 1.09
N GLN B 302 -17.23 -14.85 2.13
CA GLN B 302 -18.36 -15.30 2.96
C GLN B 302 -19.10 -14.12 3.55
N MET B 303 -18.36 -13.18 4.12
CA MET B 303 -18.96 -11.98 4.69
C MET B 303 -19.83 -11.27 3.66
N ASP B 304 -19.41 -11.29 2.39
CA ASP B 304 -20.22 -10.66 1.33
C ASP B 304 -21.47 -11.46 1.02
N TRP B 305 -21.37 -12.79 1.06
CA TRP B 305 -22.55 -13.63 0.90
C TRP B 305 -23.55 -13.40 2.01
N THR B 306 -23.07 -13.33 3.26
CA THR B 306 -23.98 -13.15 4.40
C THR B 306 -24.73 -11.83 4.28
N THR B 307 -24.02 -10.77 3.90
CA THR B 307 -24.65 -9.46 3.70
C THR B 307 -25.76 -9.54 2.67
N GLY B 308 -25.50 -10.22 1.55
CA GLY B 308 -26.52 -10.38 0.53
C GLY B 308 -27.75 -11.14 1.02
N GLN B 309 -27.56 -12.14 1.87
CA GLN B 309 -28.70 -12.85 2.45
C GLN B 309 -29.61 -11.89 3.21
N VAL B 310 -29.04 -11.00 4.00
CA VAL B 310 -29.84 -10.07 4.76
C VAL B 310 -30.43 -8.99 3.86
N VAL B 311 -29.64 -8.52 2.88
CA VAL B 311 -30.12 -7.51 1.94
C VAL B 311 -31.25 -8.07 1.07
N GLU B 312 -31.12 -9.32 0.63
CA GLU B 312 -32.15 -9.92 -0.21
C GLU B 312 -33.43 -10.20 0.58
N LYS B 313 -33.32 -10.56 1.86
CA LYS B 313 -34.52 -10.70 2.67
C LYS B 313 -35.25 -9.36 2.79
N LEU B 314 -34.51 -8.27 2.97
CA LEU B 314 -35.16 -6.96 3.02
C LEU B 314 -35.86 -6.66 1.69
N ARG B 315 -35.24 -7.07 0.58
CA ARG B 315 -35.82 -6.82 -0.73
C ARG B 315 -37.08 -7.64 -0.96
N GLU B 316 -37.07 -8.92 -0.54
CA GLU B 316 -38.24 -9.77 -0.75
C GLU B 316 -39.43 -9.26 0.04
N LEU B 317 -39.20 -8.67 1.21
CA LEU B 317 -40.26 -8.09 2.02
C LEU B 317 -40.55 -6.64 1.64
N ASN B 318 -39.98 -6.17 0.52
CA ASN B 318 -40.17 -4.80 0.03
C ASN B 318 -39.92 -3.78 1.14
N LEU B 319 -38.86 -4.01 1.92
CA LEU B 319 -38.45 -3.07 2.95
C LEU B 319 -37.17 -2.34 2.59
N LEU B 320 -36.50 -2.74 1.52
CA LEU B 320 -35.14 -2.26 1.28
C LEU B 320 -35.13 -0.76 0.99
N ASP B 321 -36.16 -0.25 0.30
CA ASP B 321 -36.14 1.16 -0.06
C ASP B 321 -36.40 2.07 1.14
N ASN B 322 -37.14 1.59 2.13
CA ASN B 322 -37.36 2.37 3.32
C ASN B 322 -36.53 1.83 4.49
N THR B 323 -35.35 1.32 4.18
CA THR B 323 -34.39 0.92 5.19
C THR B 323 -33.10 1.70 5.00
N LEU B 324 -32.65 2.32 6.07
CA LEU B 324 -31.32 2.91 6.14
C LEU B 324 -30.36 1.78 6.47
N VAL B 325 -29.56 1.38 5.49
CA VAL B 325 -28.54 0.36 5.67
C VAL B 325 -27.18 1.05 5.78
N ILE B 326 -26.44 0.70 6.82
CA ILE B 326 -25.11 1.21 7.06
C ILE B 326 -24.19 0.00 7.15
N PHE B 327 -23.13 0.01 6.34
CA PHE B 327 -22.14 -1.07 6.31
C PHE B 327 -20.79 -0.50 6.71
N THR B 328 -20.22 -1.00 7.79
CA THR B 328 -18.95 -0.46 8.26
C THR B 328 -18.25 -1.48 9.15
N SER B 329 -17.17 -1.06 9.79
CA SER B 329 -16.22 -1.98 10.38
C SER B 329 -15.79 -1.47 11.74
N ASP B 330 -15.39 -2.38 12.62
CA ASP B 330 -15.07 -1.95 13.96
C ASP B 330 -13.65 -1.40 14.10
N ASN B 331 -12.73 -1.82 13.22
CA ASN B 331 -11.36 -1.31 13.21
C ASN B 331 -10.68 -1.77 11.91
N GLY B 332 -9.44 -1.32 11.73
CA GLY B 332 -8.67 -1.65 10.54
C GLY B 332 -8.15 -3.09 10.55
N ALA B 333 -7.43 -3.40 9.48
CA ALA B 333 -7.18 -4.79 9.11
C ALA B 333 -5.92 -5.34 9.77
N VAL B 334 -5.88 -6.67 9.84
CA VAL B 334 -4.75 -7.40 10.36
C VAL B 334 -4.65 -8.68 9.55
N LEU B 335 -3.42 -9.07 9.22
CA LEU B 335 -3.21 -10.35 8.52
C LEU B 335 -2.92 -11.42 9.58
N THR B 336 -1.76 -11.33 10.24
CA THR B 336 -1.33 -12.31 11.25
C THR B 336 -1.85 -11.89 12.62
N ASP B 337 -2.93 -12.54 13.09
CA ASP B 337 -3.52 -12.20 14.37
C ASP B 337 -3.58 -13.37 15.35
N GLY B 338 -2.85 -14.45 15.08
CA GLY B 338 -2.71 -15.49 16.09
C GLY B 338 -2.74 -16.93 15.60
N TYR B 339 -3.18 -17.16 14.36
CA TYR B 339 -3.25 -18.48 13.76
C TYR B 339 -2.42 -18.54 12.48
N ASP B 340 -1.92 -19.74 12.16
CA ASP B 340 -1.17 -19.97 10.92
C ASP B 340 -2.18 -20.28 9.83
N ASP B 341 -2.76 -19.21 9.29
CA ASP B 341 -3.79 -19.30 8.27
C ASP B 341 -3.30 -18.77 6.93
N GLU B 342 -1.99 -18.51 6.81
CA GLU B 342 -1.34 -18.03 5.59
C GLU B 342 -1.81 -16.64 5.17
N ALA B 343 -2.38 -15.84 6.07
CA ALA B 343 -2.91 -14.55 5.63
C ALA B 343 -1.79 -13.66 5.09
N LEU B 344 -0.61 -13.71 5.70
CA LEU B 344 0.49 -12.90 5.20
C LEU B 344 1.17 -13.58 4.02
N LYS B 345 1.36 -14.90 4.08
CA LYS B 345 2.07 -15.60 3.01
C LYS B 345 1.33 -15.52 1.67
N ARG B 346 0.00 -15.50 1.67
CA ARG B 346 -0.72 -15.48 0.40
C ARG B 346 -1.36 -14.13 0.11
N ILE B 347 -0.87 -13.06 0.75
CA ILE B 347 -1.46 -11.74 0.54
C ILE B 347 -1.39 -11.33 -0.93
N GLY B 348 -0.35 -11.77 -1.66
CA GLY B 348 -0.25 -11.34 -3.06
C GLY B 348 -0.15 -9.82 -3.19
N THR B 349 -0.88 -9.26 -4.17
CA THR B 349 -0.93 -7.81 -4.43
C THR B 349 -1.94 -7.06 -3.58
N HIS B 350 -2.69 -7.76 -2.74
CA HIS B 350 -3.84 -7.17 -2.03
C HIS B 350 -3.40 -6.19 -0.93
N LYS B 351 -3.94 -4.98 -0.97
CA LYS B 351 -3.65 -3.95 0.03
C LYS B 351 -4.87 -3.77 0.95
N GLN B 352 -4.92 -4.55 2.03
CA GLN B 352 -6.11 -4.58 2.87
C GLN B 352 -6.40 -3.22 3.51
N ASN B 353 -5.40 -2.36 3.65
CA ASN B 353 -5.58 -1.04 4.22
C ASN B 353 -5.52 0.06 3.16
N GLY B 354 -5.58 -0.29 1.88
CA GLY B 354 -5.42 0.66 0.82
C GLY B 354 -4.08 1.37 0.94
N PRO B 355 -4.08 2.68 0.76
CA PRO B 355 -2.83 3.46 0.83
C PRO B 355 -2.38 3.80 2.24
N TYR B 356 -3.09 3.40 3.30
CA TYR B 356 -2.89 4.01 4.60
C TYR B 356 -1.96 3.18 5.49
N ARG B 357 -1.16 3.87 6.28
CA ARG B 357 -0.21 3.24 7.18
C ARG B 357 -0.91 2.67 8.41
N GLY B 358 -0.33 1.60 8.95
CA GLY B 358 -0.88 0.98 10.14
C GLY B 358 -1.83 -0.17 9.87
N GLY B 359 -2.89 -0.26 10.64
CA GLY B 359 -3.78 -1.40 10.62
C GLY B 359 -4.46 -1.50 11.96
N LYS B 360 -5.06 -2.66 12.24
CA LYS B 360 -5.56 -2.94 13.57
C LYS B 360 -4.49 -2.57 14.59
N TYR B 361 -4.94 -2.06 15.75
CA TYR B 361 -4.16 -1.70 16.92
C TYR B 361 -3.40 -0.37 16.74
N SER B 362 -3.36 0.20 15.57
CA SER B 362 -2.47 1.31 15.26
C SER B 362 -3.14 2.68 15.47
N ILE B 363 -2.33 3.66 15.85
CA ILE B 363 -2.79 5.04 15.85
C ILE B 363 -2.61 5.71 14.48
N TYR B 364 -1.90 5.09 13.56
CA TYR B 364 -1.89 5.61 12.19
C TYR B 364 -3.27 5.42 11.55
N GLU B 365 -3.44 6.03 10.37
CA GLU B 365 -4.77 6.17 9.78
C GLU B 365 -5.48 4.83 9.59
N ALA B 366 -4.76 3.76 9.21
CA ALA B 366 -5.47 2.52 8.93
C ALA B 366 -6.04 1.87 10.18
N GLY B 367 -5.68 2.40 11.34
CA GLY B 367 -6.24 1.89 12.58
C GLY B 367 -7.73 2.14 12.69
N THR B 368 -8.19 3.31 12.26
CA THR B 368 -9.60 3.66 12.33
C THR B 368 -10.23 4.01 11.00
N ARG B 369 -9.46 4.25 9.95
CA ARG B 369 -10.07 4.62 8.67
C ARG B 369 -10.59 3.36 7.99
N ILE B 370 -11.91 3.22 7.91
CA ILE B 370 -12.53 1.95 7.56
C ILE B 370 -13.57 2.13 6.45
N PRO B 371 -14.05 1.06 5.81
CA PRO B 371 -15.14 1.21 4.84
C PRO B 371 -16.41 1.69 5.55
N PHE B 372 -17.19 2.51 4.84
CA PHE B 372 -18.41 3.07 5.40
C PHE B 372 -19.35 3.39 4.24
N ILE B 373 -20.47 2.69 4.18
CA ILE B 373 -21.42 2.79 3.07
C ILE B 373 -22.80 3.06 3.66
N VAL B 374 -23.51 4.04 3.10
CA VAL B 374 -24.89 4.33 3.44
C VAL B 374 -25.75 3.93 2.26
N HIS B 375 -26.79 3.15 2.50
CA HIS B 375 -27.72 2.74 1.45
C HIS B 375 -29.13 2.95 1.97
N TYR B 376 -29.86 3.86 1.31
CA TYR B 376 -31.18 4.29 1.78
C TYR B 376 -31.88 4.96 0.61
N PRO B 377 -32.39 4.19 -0.35
CA PRO B 377 -32.79 4.79 -1.64
C PRO B 377 -33.83 5.89 -1.53
N ASN B 378 -34.79 5.78 -0.60
CA ASN B 378 -35.83 6.79 -0.50
C ASN B 378 -35.31 8.16 -0.07
N ARG B 379 -34.09 8.26 0.45
CA ARG B 379 -33.61 9.55 0.92
C ARG B 379 -32.16 9.86 0.55
N VAL B 380 -31.41 8.92 -0.02
CA VAL B 380 -29.97 9.07 -0.19
C VAL B 380 -29.63 8.77 -1.65
N LYS B 381 -29.11 9.81 -2.38
CA LYS B 381 -28.69 9.65 -3.77
C LYS B 381 -27.27 9.11 -3.84
N PRO B 382 -26.96 8.26 -4.83
CA PRO B 382 -25.62 7.66 -4.91
C PRO B 382 -24.50 8.68 -5.02
N GLY B 383 -23.36 8.34 -4.42
CA GLY B 383 -22.20 9.21 -4.50
C GLY B 383 -21.02 8.64 -3.74
N VAL B 384 -19.94 9.43 -3.77
CA VAL B 384 -18.71 9.14 -3.05
C VAL B 384 -18.38 10.38 -2.23
N SER B 385 -18.22 10.22 -0.92
CA SER B 385 -17.97 11.36 -0.04
C SER B 385 -16.58 11.28 0.57
N ASN B 386 -15.87 12.41 0.52
CA ASN B 386 -14.55 12.56 1.12
C ASN B 386 -14.60 13.28 2.45
N SER B 387 -15.79 13.45 3.02
CA SER B 387 -15.89 14.19 4.27
C SER B 387 -15.36 13.37 5.43
N LEU B 388 -14.74 14.06 6.38
CA LEU B 388 -14.23 13.43 7.60
C LEU B 388 -15.41 13.04 8.48
N PHE B 389 -15.66 11.74 8.60
CA PHE B 389 -16.85 11.20 9.23
C PHE B 389 -16.51 10.26 10.37
N SER B 390 -17.37 10.26 11.39
CA SER B 390 -17.17 9.51 12.62
C SER B 390 -18.36 8.57 12.86
N GLN B 391 -18.06 7.29 13.10
CA GLN B 391 -19.09 6.38 13.59
C GLN B 391 -19.74 6.90 14.87
N ILE B 392 -19.02 7.70 15.66
CA ILE B 392 -19.57 8.17 16.91
C ILE B 392 -20.78 9.05 16.67
N ASP B 393 -20.86 9.64 15.49
CA ASP B 393 -21.93 10.58 15.19
C ASP B 393 -23.19 9.88 14.70
N LEU B 394 -23.20 8.56 14.65
CA LEU B 394 -24.41 7.86 14.24
C LEU B 394 -25.54 8.03 15.26
N TYR B 395 -25.19 8.01 16.54
CA TYR B 395 -26.18 8.24 17.59
C TYR B 395 -26.92 9.56 17.37
N ALA B 396 -26.18 10.67 17.36
CA ALA B 396 -26.84 11.96 17.27
C ALA B 396 -27.49 12.16 15.90
N SER B 397 -26.89 11.64 14.83
CA SER B 397 -27.48 11.86 13.51
C SER B 397 -28.76 11.08 13.32
N ILE B 398 -28.87 9.89 13.93
CA ILE B 398 -30.13 9.16 13.89
C ILE B 398 -31.17 9.87 14.76
N ALA B 399 -30.75 10.37 15.94
CA ALA B 399 -31.65 11.16 16.79
C ALA B 399 -32.22 12.35 16.04
N GLU B 400 -31.39 13.06 15.28
CA GLU B 400 -31.86 14.15 14.45
C GLU B 400 -32.85 13.63 13.40
N LEU B 401 -32.56 12.48 12.79
CA LEU B 401 -33.43 11.96 11.75
C LEU B 401 -34.83 11.68 12.27
N LEU B 402 -34.94 11.37 13.56
CA LEU B 402 -36.20 10.99 14.18
C LEU B 402 -36.73 12.06 15.15
N GLY B 403 -36.11 13.23 15.21
CA GLY B 403 -36.59 14.31 16.05
C GLY B 403 -36.45 14.09 17.53
N VAL B 404 -35.46 13.29 17.95
CA VAL B 404 -35.29 12.95 19.35
C VAL B 404 -34.33 13.97 19.97
N PRO B 405 -34.80 14.82 20.88
CA PRO B 405 -33.86 15.70 21.60
C PRO B 405 -32.98 14.91 22.54
N LEU B 406 -31.76 15.39 22.71
CA LEU B 406 -30.78 14.68 23.53
C LEU B 406 -30.39 15.51 24.73
N GLU B 407 -30.19 14.84 25.86
CA GLU B 407 -29.83 15.52 27.10
C GLU B 407 -28.38 15.98 27.07
N GLU B 408 -28.07 16.98 27.89
CA GLU B 408 -26.76 17.62 27.83
C GLU B 408 -25.64 16.66 28.19
N THR B 409 -25.94 15.56 28.89
CA THR B 409 -24.95 14.56 29.25
C THR B 409 -25.07 13.31 28.37
N GLU B 410 -25.83 13.38 27.28
CA GLU B 410 -26.13 12.21 26.48
C GLU B 410 -25.27 12.21 25.20
N ALA B 411 -24.57 11.10 24.98
CA ALA B 411 -23.81 10.85 23.75
C ALA B 411 -22.96 12.07 23.38
N ILE B 412 -22.13 12.51 24.35
CA ILE B 412 -21.64 13.88 24.31
C ILE B 412 -20.72 14.11 23.12
N ASP B 413 -20.06 13.06 22.63
CA ASP B 413 -19.20 13.27 21.49
C ASP B 413 -19.94 13.08 20.17
N SER B 414 -21.17 12.58 20.21
CA SER B 414 -21.90 12.34 18.97
C SER B 414 -22.51 13.64 18.48
N GLN B 415 -22.16 14.04 17.25
CA GLN B 415 -22.67 15.26 16.64
C GLN B 415 -23.71 14.91 15.60
N ASN B 416 -24.62 15.85 15.37
CA ASN B 416 -25.57 15.77 14.27
C ASN B 416 -24.84 15.92 12.94
N GLN B 417 -24.67 14.83 12.19
CA GLN B 417 -24.07 14.89 10.87
C GLN B 417 -24.96 14.19 9.86
N LEU B 418 -26.26 14.25 10.10
CA LEU B 418 -27.23 13.62 9.21
C LEU B 418 -27.13 14.14 7.79
N SER B 419 -26.78 15.42 7.63
CA SER B 419 -26.72 15.99 6.29
C SER B 419 -25.61 15.36 5.45
N PRO B 420 -24.33 15.38 5.86
CA PRO B 420 -23.31 14.67 5.08
C PRO B 420 -23.48 13.16 5.10
N LEU B 421 -24.15 12.60 6.10
CA LEU B 421 -24.45 11.16 6.07
C LEU B 421 -25.32 10.82 4.87
N PHE B 422 -26.25 11.72 4.52
CA PHE B 422 -27.23 11.45 3.46
C PHE B 422 -26.88 12.12 2.15
N ASP B 423 -25.88 12.98 2.12
CA ASP B 423 -25.56 13.78 0.93
C ASP B 423 -24.06 13.78 0.73
N ALA B 424 -23.61 13.13 -0.36
CA ALA B 424 -22.18 13.00 -0.61
C ALA B 424 -21.51 14.34 -0.81
N SER B 425 -22.27 15.39 -1.19
CA SER B 425 -21.71 16.72 -1.45
C SER B 425 -21.52 17.56 -0.21
N LYS B 426 -21.96 17.11 0.96
CA LYS B 426 -21.87 17.92 2.17
C LYS B 426 -20.65 17.54 3.00
N LEU B 427 -20.02 18.55 3.58
CA LEU B 427 -18.94 18.35 4.55
C LEU B 427 -19.53 17.88 5.87
N ALA B 428 -18.67 17.23 6.67
CA ALA B 428 -19.06 16.78 7.99
C ALA B 428 -18.13 17.38 9.02
N ARG B 429 -17.33 16.55 9.69
CA ARG B 429 -16.47 17.04 10.74
C ARG B 429 -15.26 17.77 10.21
N LYS B 430 -14.76 18.71 11.00
CA LYS B 430 -13.42 19.23 10.82
C LYS B 430 -12.44 18.59 11.80
N THR B 431 -12.90 18.19 12.96
CA THR B 431 -12.04 17.65 13.99
C THR B 431 -12.55 16.27 14.40
N LEU B 432 -11.62 15.35 14.66
CA LEU B 432 -11.93 14.01 15.14
C LEU B 432 -10.73 13.43 15.88
N VAL B 433 -10.98 12.93 17.10
CA VAL B 433 -9.98 12.22 17.89
C VAL B 433 -10.00 10.73 17.51
N GLN B 434 -8.83 10.12 17.47
CA GLN B 434 -8.64 8.71 17.21
C GLN B 434 -7.98 8.07 18.43
N GLU B 435 -8.32 6.82 18.71
CA GLU B 435 -8.11 6.19 20.02
C GLU B 435 -7.36 4.88 19.88
N THR B 436 -6.30 4.71 20.68
CA THR B 436 -5.68 3.42 20.97
C THR B 436 -5.22 3.47 22.42
N PRO B 437 -4.97 2.31 23.04
CA PRO B 437 -4.52 2.33 24.44
C PRO B 437 -3.17 3.01 24.63
N HIS B 438 -2.30 3.01 23.62
CA HIS B 438 -0.97 3.54 23.84
C HIS B 438 -0.82 5.01 23.46
N ALA B 439 -1.77 5.58 22.73
CA ALA B 439 -1.67 6.99 22.34
C ALA B 439 -2.98 7.43 21.71
N LYS B 440 -3.29 8.71 21.87
CA LYS B 440 -4.40 9.35 21.18
C LYS B 440 -3.88 10.17 20.00
N GLY B 441 -4.75 10.37 19.02
CA GLY B 441 -4.43 11.20 17.87
C GLY B 441 -5.60 12.13 17.58
N LEU B 442 -5.39 13.03 16.61
CA LEU B 442 -6.38 14.05 16.28
C LEU B 442 -6.30 14.34 14.79
N ARG B 443 -7.43 14.31 14.11
CA ARG B 443 -7.51 14.81 12.75
C ARG B 443 -8.12 16.21 12.75
N GLU B 444 -7.52 17.12 11.98
CA GLU B 444 -8.13 18.41 11.65
C GLU B 444 -7.95 18.65 10.17
N ASN B 445 -9.05 18.53 9.42
CA ASN B 445 -9.01 18.44 7.96
C ASN B 445 -7.97 17.38 7.62
N SER B 446 -6.98 17.66 6.77
CA SER B 446 -6.00 16.68 6.38
C SER B 446 -4.78 16.68 7.28
N TRP B 447 -4.78 17.48 8.35
CA TRP B 447 -3.74 17.37 9.36
C TRP B 447 -4.01 16.17 10.26
N LYS B 448 -2.94 15.45 10.60
CA LYS B 448 -3.02 14.31 11.51
C LYS B 448 -1.95 14.50 12.56
N TYR B 449 -2.35 14.56 13.82
CA TYR B 449 -1.47 14.75 14.94
C TYR B 449 -1.50 13.51 15.82
N ILE B 450 -0.32 13.05 16.25
CA ILE B 450 -0.23 11.88 17.12
C ILE B 450 0.56 12.27 18.37
N ARG B 451 -0.07 12.07 19.52
CA ARG B 451 0.52 12.44 20.80
C ARG B 451 1.63 11.46 21.16
N PRO B 452 2.74 11.93 21.73
CA PRO B 452 3.83 11.04 22.11
C PRO B 452 3.49 10.23 23.34
N THR B 453 4.19 9.12 23.49
CA THR B 453 4.02 8.21 24.60
C THR B 453 5.31 7.45 24.86
N GLU B 454 5.62 7.25 26.14
CA GLU B 454 6.71 6.37 26.53
C GLU B 454 6.35 4.87 26.46
N LYS B 455 5.06 4.54 26.33
CA LYS B 455 4.59 3.15 26.43
C LYS B 455 5.10 2.26 25.29
N ASP B 456 5.40 1.00 25.64
CA ASP B 456 6.10 0.08 24.74
C ASP B 456 5.12 -0.96 24.21
N VAL B 457 4.90 -0.94 22.90
CA VAL B 457 4.00 -1.87 22.23
C VAL B 457 4.75 -2.49 21.05
N ALA B 458 5.94 -3.05 21.32
CA ALA B 458 6.71 -3.67 20.25
C ALA B 458 6.13 -4.99 19.80
N TRP B 459 5.29 -5.61 20.63
CA TRP B 459 4.66 -6.88 20.25
C TRP B 459 3.73 -6.72 19.05
N VAL B 460 3.21 -5.51 18.82
CA VAL B 460 2.36 -5.30 17.65
C VAL B 460 3.19 -5.48 16.40
N LYS B 461 4.39 -4.88 16.36
CA LYS B 461 5.26 -5.08 15.22
C LYS B 461 5.66 -6.54 15.10
N ALA B 462 6.09 -7.14 16.22
CA ALA B 462 6.60 -8.52 16.20
C ALA B 462 5.50 -9.54 15.93
N LYS B 463 4.41 -9.50 16.70
CA LYS B 463 3.37 -10.52 16.57
C LYS B 463 2.32 -10.18 15.50
N LYS B 464 1.98 -8.91 15.30
CA LYS B 464 0.88 -8.57 14.42
C LYS B 464 1.32 -8.03 13.06
N ASN B 465 2.62 -7.80 12.86
CA ASN B 465 3.15 -7.25 11.61
C ASN B 465 2.47 -5.94 11.25
N ILE B 466 2.23 -5.11 12.25
CA ILE B 466 1.59 -3.81 12.07
C ILE B 466 2.38 -2.79 12.87
N ASP B 467 2.65 -1.63 12.28
CA ASP B 467 3.24 -0.56 13.05
C ASP B 467 2.18 0.05 13.95
N PRO B 468 2.27 -0.13 15.28
CA PRO B 468 1.25 0.47 16.17
C PRO B 468 1.32 1.98 16.18
N GLY B 469 2.43 2.54 15.71
CA GLY B 469 2.51 3.96 15.56
C GLY B 469 3.07 4.72 16.73
N THR B 470 3.65 4.07 17.71
CA THR B 470 4.09 4.89 18.82
C THR B 470 5.51 5.39 18.61
N SER B 471 5.69 6.63 19.05
CA SER B 471 6.93 7.38 18.98
C SER B 471 7.02 8.18 20.27
N LYS B 472 8.25 8.35 20.77
CA LYS B 472 8.40 9.20 21.95
C LYS B 472 8.30 10.67 21.63
N ALA B 473 8.32 11.03 20.43
CA ALA B 473 8.16 12.38 19.94
C ALA B 473 6.78 12.58 19.34
N PRO B 474 6.25 13.81 19.40
CA PRO B 474 4.96 14.08 18.72
C PRO B 474 5.10 13.97 17.21
N GLN B 475 4.00 13.55 16.57
CA GLN B 475 4.00 13.43 15.12
C GLN B 475 2.90 14.30 14.53
N LEU B 476 3.21 14.92 13.39
CA LEU B 476 2.24 15.70 12.63
C LEU B 476 2.42 15.39 11.16
N PHE B 477 1.34 15.07 10.47
CA PHE B 477 1.40 14.75 9.05
C PHE B 477 0.36 15.57 8.32
N ASP B 478 0.66 15.87 7.05
CA ASP B 478 -0.32 16.41 6.11
C ASP B 478 -0.74 15.30 5.16
N LEU B 479 -1.96 14.79 5.34
CA LEU B 479 -2.39 13.64 4.56
C LEU B 479 -2.59 13.97 3.08
N ASP B 480 -2.72 15.25 2.74
CA ASP B 480 -2.84 15.62 1.32
C ASP B 480 -1.58 15.26 0.56
N THR B 481 -0.41 15.57 1.11
CA THR B 481 0.85 15.26 0.48
C THR B 481 1.47 13.97 0.98
N ASP B 482 1.11 13.52 2.17
CA ASP B 482 1.75 12.39 2.84
C ASP B 482 0.66 11.45 3.36
N PRO B 483 -0.12 10.84 2.47
CA PRO B 483 -1.25 10.02 2.95
C PRO B 483 -0.79 8.81 3.76
N SER B 484 0.47 8.38 3.61
CA SER B 484 1.02 7.25 4.35
C SER B 484 1.73 7.64 5.63
N GLU B 485 1.62 8.89 6.07
CA GLU B 485 2.12 9.32 7.39
C GLU B 485 3.61 9.00 7.56
N LEU B 486 4.41 9.39 6.58
CA LEU B 486 5.83 9.04 6.53
C LEU B 486 6.78 10.20 6.86
N HIS B 487 6.33 11.45 6.74
CA HIS B 487 7.19 12.62 6.94
C HIS B 487 6.67 13.43 8.13
N ASN B 488 7.31 13.27 9.28
CA ASN B 488 6.88 13.95 10.49
C ASN B 488 7.15 15.45 10.35
N LEU B 489 6.09 16.25 10.38
CA LEU B 489 6.19 17.71 10.24
C LEU B 489 6.21 18.43 11.59
N ALA B 490 6.38 17.71 12.68
CA ALA B 490 6.27 18.32 14.02
C ALA B 490 7.24 19.48 14.21
N ALA B 491 8.50 19.31 13.82
CA ALA B 491 9.50 20.35 14.01
C ALA B 491 9.38 21.49 13.00
N LYS B 492 8.72 21.28 11.86
CA LYS B 492 8.55 22.35 10.90
C LYS B 492 7.42 23.29 11.30
N TYR B 493 6.37 22.79 11.97
CA TYR B 493 5.23 23.60 12.40
C TYR B 493 4.93 23.36 13.88
N PRO B 494 5.83 23.77 14.77
CA PRO B 494 5.59 23.54 16.20
C PRO B 494 4.38 24.29 16.74
N ASP B 495 3.95 25.37 16.11
CA ASP B 495 2.72 26.02 16.55
C ASP B 495 1.50 25.19 16.21
N LYS B 496 1.50 24.54 15.04
CA LYS B 496 0.38 23.68 14.66
C LYS B 496 0.25 22.51 15.62
N VAL B 497 1.38 21.94 16.05
CA VAL B 497 1.36 20.88 17.05
C VAL B 497 0.68 21.37 18.34
N LYS B 498 1.10 22.54 18.82
CA LYS B 498 0.50 23.06 20.04
C LYS B 498 -1.00 23.24 19.88
N LEU B 499 -1.44 23.74 18.72
CA LEU B 499 -2.88 23.93 18.51
C LEU B 499 -3.64 22.60 18.57
N LEU B 500 -3.12 21.54 17.94
CA LEU B 500 -3.86 20.28 17.89
C LEU B 500 -3.79 19.56 19.23
N GLU B 501 -2.65 19.62 19.91
CA GLU B 501 -2.60 19.11 21.27
C GLU B 501 -3.62 19.82 22.16
N GLN B 502 -3.76 21.14 21.99
CA GLN B 502 -4.76 21.89 22.77
C GLN B 502 -6.17 21.45 22.40
N LYS B 503 -6.44 21.26 21.11
CA LYS B 503 -7.75 20.76 20.72
C LYS B 503 -8.01 19.38 21.31
N LEU B 504 -6.98 18.53 21.39
CA LEU B 504 -7.17 17.18 21.91
C LEU B 504 -7.46 17.21 23.41
N GLN B 505 -6.79 18.10 24.14
CA GLN B 505 -7.06 18.25 25.57
C GLN B 505 -8.45 18.81 25.81
N ASP B 506 -8.87 19.78 24.99
CA ASP B 506 -10.23 20.28 25.10
C ASP B 506 -11.23 19.14 25.00
N ILE B 507 -10.98 18.21 24.07
CA ILE B 507 -11.92 17.09 23.89
C ILE B 507 -11.84 16.13 25.05
N GLU B 508 -10.61 15.84 25.53
CA GLU B 508 -10.46 14.99 26.72
C GLU B 508 -11.20 15.57 27.92
N LEU B 509 -11.29 16.90 28.02
CA LEU B 509 -11.94 17.59 29.14
C LEU B 509 -13.42 17.86 28.91
N GLN B 510 -13.89 17.72 27.67
CA GLN B 510 -15.31 17.90 27.39
C GLN B 510 -16.15 17.03 28.32
N SER B 511 -17.31 17.55 28.73
CA SER B 511 -18.18 16.80 29.63
C SER B 511 -19.64 16.89 29.26
N ILE B 512 -20.03 17.74 28.33
CA ILE B 512 -21.40 17.87 27.88
C ILE B 512 -21.40 17.99 26.36
N ARG B 513 -22.58 18.18 25.79
CA ARG B 513 -22.72 18.17 24.34
C ARG B 513 -22.25 19.52 23.78
N LEU B 514 -22.40 19.69 22.46
CA LEU B 514 -21.91 20.88 21.74
C LEU B 514 -20.48 21.24 22.11
CA CA C . 13.88 -0.32 -15.29
CL CL D . 12.59 -8.68 -26.22
CL CL E . 7.50 -1.74 -25.01
CL CL F . 5.27 -18.43 -19.98
C1 G6S G . 10.12 -7.14 -20.76
C2 G6S G . 10.63 -8.35 -19.94
C3 G6S G . 11.07 -7.89 -18.56
C4 G6S G . 12.05 -6.77 -18.62
C5 G6S G . 11.52 -5.67 -19.55
C6 G6S G . 12.50 -4.56 -19.74
O1 G6S G . 9.73 -7.42 -22.06
O2 G6S G . 9.58 -9.31 -19.80
O4 G6S G . 13.31 -7.25 -19.15
O5 G6S G . 11.25 -6.24 -20.89
O6 G6S G . 12.61 -4.00 -18.47
S G6S G . 13.28 -2.51 -18.38
O7 G6S G . 12.53 -1.48 -19.22
O8 G6S G . 14.68 -2.57 -18.95
O9 G6S G . 13.33 -2.09 -16.95
O3 G6S G . 11.61 -9.01 -17.78
CA CA H . -12.17 -5.92 15.47
CL CL I . -5.39 -3.71 24.42
CL CL J . -35.16 -17.66 3.58
C1 G6S K . -5.53 -10.04 20.90
C2 G6S K . -5.47 -11.35 20.12
C3 G6S K . -6.12 -11.18 18.78
C4 G6S K . -7.48 -10.62 18.81
C5 G6S K . -7.46 -9.32 19.61
C6 G6S K . -8.85 -8.83 19.75
O1 G6S K . -5.05 -10.21 22.19
O2 G6S K . -4.07 -11.67 19.90
O4 G6S K . -8.44 -11.53 19.41
O5 G6S K . -6.88 -9.52 20.97
O6 G6S K . -9.32 -8.53 18.46
S G6S K . -10.64 -7.56 18.45
O7 G6S K . -10.35 -6.31 19.24
O8 G6S K . -11.77 -8.20 19.23
O9 G6S K . -11.08 -7.20 17.06
O3 G6S K . -6.13 -12.46 18.07
#